data_3ABG
#
_entry.id   3ABG
#
_cell.length_a   139.742
_cell.length_b   139.742
_cell.length_c   135.561
_cell.angle_alpha   90.000
_cell.angle_beta   90.000
_cell.angle_gamma   120.000
#
_symmetry.space_group_name_H-M   'P 63'
#
loop_
_entity.id
_entity.type
_entity.pdbx_description
1 polymer 'Bilirubin oxidase'
2 branched beta-D-mannopyranose-(1-4)-2-acetamido-2-deoxy-beta-D-glucopyranose-(1-4)-2-acetamido-2-deoxy-beta-D-glucopyranose
3 branched 2-acetamido-2-deoxy-beta-D-glucopyranose-(1-4)-2-acetamido-2-deoxy-beta-D-glucopyranose
4 branched alpha-D-mannopyranose-(1-3)-alpha-D-mannopyranose-(1-6)-beta-D-mannopyranose-(1-4)-2-acetamido-2-deoxy-beta-D-glucopyranose-(1-4)-2-acetamido-2-deoxy-beta-D-glucopyranose
5 non-polymer 'COPPER (II) ION'
6 non-polymer 'OXYGEN MOLECULE'
7 non-polymer GLYCEROL
8 water water
#
_entity_poly.entity_id   1
_entity_poly.type   'polypeptide(L)'
_entity_poly.pdbx_seq_one_letter_code
;VAQISPQYPMFTVPLPIPPVKQPRLTVTNPVNGQEIWYYEVEIKPFTHQVYPDLGSADLVGYDGMSPGPTFQVPRGVETV
VRFINNAEAPNSVHLHGSFSRAAFDGWAEDITEPGSFKDYYYPNRQSARTLWYHDHAMHITAENAYRGQAGLYMLTDPAE
DALNLPSGYGEFDIPMILTSKQYTANGNLVTTNGELNSFWGDVIHVNGQPWPFKNVEPRKYRFRFLDAAVSRSFGLYFAD
TDAIDTRLPFKVIASDSGLLEHPADTSLLYISMAERYEVVFDFSDYAGKTIELRNLGGSIGGIGTDTDYDNTDKVMRFVV
ADDTTQPDTSVVPANLRDVPFPSPTTNTPRQFRFGRTGPTWTINGVAFADVQNRLLANVPVGTVERWELINAGNGWTHPI
HIHLVDFKVISRTSGNNARTVMPYESGLKDVVWLGRRETVVVEAHYAPFPGVYMFHCHNLIHEDHDMMAAFNATVLPDYG
YNATVFVDPMEELWQARPYELGEFQAQSGQFSVQAVTERIQTMAEYRPYAAADE
;
_entity_poly.pdbx_strand_id   A,B
#
# COMPACT_ATOMS: atom_id res chain seq x y z
N VAL A 1 3.56 -41.15 -6.43
CA VAL A 1 2.23 -41.39 -5.88
C VAL A 1 1.21 -40.55 -6.60
N ALA A 2 0.04 -41.11 -6.83
CA ALA A 2 -0.98 -40.40 -7.57
C ALA A 2 -1.49 -39.20 -6.78
N GLN A 3 -1.74 -38.12 -7.50
CA GLN A 3 -2.26 -36.90 -6.89
C GLN A 3 -3.67 -37.13 -6.38
N ILE A 4 -3.97 -36.57 -5.21
CA ILE A 4 -5.32 -36.62 -4.66
C ILE A 4 -6.11 -35.40 -5.07
N SER A 5 -5.53 -34.22 -4.93
CA SER A 5 -6.23 -33.01 -5.30
C SER A 5 -6.67 -33.08 -6.76
N PRO A 6 -7.82 -32.52 -7.10
CA PRO A 6 -8.25 -32.42 -8.50
C PRO A 6 -7.18 -31.91 -9.45
N GLN A 7 -7.35 -32.23 -10.73
CA GLN A 7 -6.36 -31.87 -11.73
C GLN A 7 -6.35 -30.36 -11.91
N TYR A 8 -5.16 -29.79 -12.07
CA TYR A 8 -5.12 -28.36 -12.17
C TYR A 8 -4.54 -27.94 -13.51
N PRO A 9 -5.07 -26.86 -14.13
CA PRO A 9 -4.48 -26.32 -15.37
C PRO A 9 -3.26 -25.46 -15.09
N MET A 10 -2.08 -26.04 -15.28
CA MET A 10 -0.88 -25.51 -14.66
C MET A 10 -0.16 -24.54 -15.57
N PHE A 11 0.63 -23.65 -14.94
CA PHE A 11 1.36 -22.60 -15.64
C PHE A 11 0.41 -21.71 -16.43
N THR A 12 -0.78 -21.53 -15.88
CA THR A 12 -1.87 -20.85 -16.53
C THR A 12 -2.24 -19.54 -15.86
N VAL A 13 -1.69 -19.24 -14.68
CA VAL A 13 -2.02 -18.02 -13.95
C VAL A 13 -0.73 -17.29 -13.61
N PRO A 14 -0.66 -15.97 -13.77
CA PRO A 14 0.60 -15.28 -13.52
C PRO A 14 0.86 -15.16 -12.04
N LEU A 15 2.12 -15.13 -11.69
CA LEU A 15 2.52 -15.14 -10.29
C LEU A 15 1.96 -13.94 -9.54
N PRO A 16 1.14 -14.14 -8.52
CA PRO A 16 0.67 -13.01 -7.72
C PRO A 16 1.80 -12.43 -6.89
N ILE A 17 1.60 -11.19 -6.48
CA ILE A 17 2.56 -10.46 -5.66
C ILE A 17 1.79 -9.86 -4.51
N PRO A 18 2.17 -10.10 -3.26
CA PRO A 18 1.43 -9.54 -2.14
C PRO A 18 1.74 -8.06 -1.98
N PRO A 19 0.72 -7.26 -1.75
CA PRO A 19 0.92 -5.82 -1.65
C PRO A 19 1.69 -5.45 -0.40
N VAL A 20 2.40 -4.34 -0.48
CA VAL A 20 3.10 -3.86 0.70
C VAL A 20 2.10 -3.35 1.74
N LYS A 21 2.58 -3.28 2.97
CA LYS A 21 1.78 -2.85 4.10
C LYS A 21 2.12 -1.41 4.45
N GLN A 22 1.12 -0.66 4.70
CA GLN A 22 1.17 0.75 5.02
C GLN A 22 0.94 0.98 6.51
N PRO A 23 1.81 1.71 7.21
CA PRO A 23 1.51 2.02 8.60
C PRO A 23 0.31 2.95 8.71
N ARG A 24 -0.40 2.86 9.84
CA ARG A 24 -1.51 3.79 10.06
C ARG A 24 -1.01 5.20 10.32
N LEU A 25 0.12 5.34 10.99
CA LEU A 25 0.65 6.64 11.39
C LEU A 25 2.06 6.44 11.91
N THR A 26 2.65 7.52 12.42
CA THR A 26 3.90 7.46 13.16
C THR A 26 3.71 8.08 14.52
N VAL A 27 4.57 7.70 15.46
CA VAL A 27 4.52 8.19 16.82
C VAL A 27 5.93 8.56 17.24
N THR A 28 6.08 9.65 17.98
CA THR A 28 7.40 10.15 18.35
C THR A 28 7.92 9.42 19.58
N ASN A 29 9.06 8.79 19.44
CA ASN A 29 9.64 8.06 20.55
C ASN A 29 10.27 9.08 21.49
N PRO A 30 9.71 9.27 22.68
CA PRO A 30 10.16 10.36 23.54
C PRO A 30 11.61 10.22 23.97
N VAL A 31 12.25 9.08 23.75
CA VAL A 31 13.61 8.89 24.25
C VAL A 31 14.63 9.56 23.34
N ASN A 32 14.51 9.30 22.05
CA ASN A 32 15.49 9.79 21.10
C ASN A 32 14.90 10.82 20.16
N GLY A 33 13.59 11.03 20.17
CA GLY A 33 12.95 11.89 19.23
C GLY A 33 12.53 11.24 17.94
N GLN A 34 13.06 10.06 17.62
CA GLN A 34 12.68 9.48 16.35
C GLN A 34 11.21 9.09 16.35
N GLU A 35 10.73 8.75 15.17
CA GLU A 35 9.36 8.33 15.00
C GLU A 35 9.26 6.81 15.08
N ILE A 36 8.05 6.30 14.99
CA ILE A 36 7.77 4.88 15.12
C ILE A 36 6.59 4.56 14.21
N TRP A 37 6.78 3.68 13.25
CA TRP A 37 5.69 3.35 12.34
C TRP A 37 4.72 2.42 13.03
N TYR A 38 3.44 2.63 12.79
CA TYR A 38 2.41 1.88 13.48
C TYR A 38 1.50 1.25 12.44
N TYR A 39 1.35 -0.07 12.50
CA TYR A 39 0.47 -0.79 11.59
C TYR A 39 -0.70 -1.35 12.36
N GLU A 40 -1.76 -1.66 11.63
CA GLU A 40 -2.93 -2.32 12.20
C GLU A 40 -3.33 -3.46 11.29
N VAL A 41 -3.02 -4.69 11.70
CA VAL A 41 -3.32 -5.86 10.91
C VAL A 41 -4.47 -6.60 11.56
N GLU A 42 -5.56 -6.74 10.83
CA GLU A 42 -6.70 -7.56 11.22
C GLU A 42 -6.56 -8.96 10.66
N ILE A 43 -6.98 -9.95 11.44
CA ILE A 43 -6.94 -11.36 11.06
C ILE A 43 -8.37 -11.82 10.89
N LYS A 44 -8.82 -12.00 9.67
CA LYS A 44 -10.22 -12.37 9.49
C LYS A 44 -10.37 -13.58 8.60
N PRO A 45 -11.51 -14.27 8.70
CA PRO A 45 -11.79 -15.34 7.73
C PRO A 45 -12.14 -14.75 6.39
N PHE A 46 -11.80 -15.49 5.34
CA PHE A 46 -12.16 -15.08 4.00
C PHE A 46 -12.16 -16.31 3.13
N THR A 47 -12.77 -16.15 1.97
CA THR A 47 -13.05 -17.26 1.07
C THR A 47 -12.38 -16.96 -0.25
N HIS A 48 -11.57 -17.89 -0.72
CA HIS A 48 -10.77 -17.67 -1.91
C HIS A 48 -10.96 -18.82 -2.88
N GLN A 49 -10.87 -18.51 -4.17
CA GLN A 49 -11.05 -19.51 -5.22
C GLN A 49 -9.73 -19.78 -5.90
N VAL A 50 -9.35 -21.05 -5.92
CA VAL A 50 -8.09 -21.49 -6.52
C VAL A 50 -8.34 -22.25 -7.81
N TYR A 51 -9.33 -23.15 -7.83
CA TYR A 51 -9.61 -23.99 -8.98
C TYR A 51 -10.58 -23.31 -9.92
N PRO A 52 -10.11 -22.82 -11.06
CA PRO A 52 -10.90 -21.83 -11.82
C PRO A 52 -12.30 -22.24 -12.18
N ASP A 53 -12.69 -23.49 -11.97
CA ASP A 53 -14.03 -23.92 -12.35
C ASP A 53 -14.98 -23.78 -11.17
N LEU A 54 -14.70 -24.56 -10.15
CA LEU A 54 -15.58 -24.66 -9.03
C LEU A 54 -14.96 -24.20 -7.76
N GLY A 55 -15.78 -24.15 -6.74
CA GLY A 55 -15.42 -24.11 -5.34
C GLY A 55 -14.41 -23.17 -4.81
N SER A 56 -14.65 -22.71 -3.60
CA SER A 56 -13.78 -21.75 -2.99
C SER A 56 -13.14 -22.35 -1.78
N ALA A 57 -12.03 -21.78 -1.38
CA ALA A 57 -11.31 -22.26 -0.22
C ALA A 57 -11.64 -21.43 1.02
N ASP A 58 -11.87 -22.09 2.14
CA ASP A 58 -12.12 -21.42 3.41
C ASP A 58 -10.78 -21.14 4.07
N LEU A 59 -10.45 -19.88 4.21
CA LEU A 59 -9.21 -19.46 4.79
C LEU A 59 -9.38 -18.56 6.00
N VAL A 60 -8.27 -18.03 6.47
CA VAL A 60 -8.15 -17.05 7.53
C VAL A 60 -6.80 -16.45 7.46
N GLY A 61 -6.72 -15.21 7.08
CA GLY A 61 -5.46 -14.58 6.83
C GLY A 61 -5.25 -13.24 7.40
N TYR A 62 -4.04 -12.79 7.30
CA TYR A 62 -3.67 -11.43 7.66
C TYR A 62 -4.29 -10.47 6.67
N ASP A 63 -5.25 -9.68 7.11
CA ASP A 63 -5.98 -8.71 6.29
C ASP A 63 -6.85 -9.37 5.23
N GLY A 64 -7.24 -10.62 5.45
CA GLY A 64 -8.04 -11.30 4.46
C GLY A 64 -7.27 -11.64 3.20
N MET A 65 -5.95 -11.80 3.30
CA MET A 65 -5.17 -12.30 2.18
C MET A 65 -4.14 -13.27 2.70
N SER A 66 -3.92 -14.34 1.94
CA SER A 66 -2.77 -15.21 2.10
C SER A 66 -1.99 -15.20 0.80
N PRO A 67 -0.73 -14.83 0.81
CA PRO A 67 0.06 -14.41 1.97
C PRO A 67 -0.31 -13.01 2.40
N GLY A 68 -0.19 -12.72 3.69
CA GLY A 68 -0.49 -11.42 4.19
C GLY A 68 0.41 -10.38 3.55
N PRO A 69 0.06 -9.11 3.74
CA PRO A 69 0.84 -8.04 3.11
C PRO A 69 2.30 -8.07 3.54
N THR A 70 3.15 -7.48 2.70
CA THR A 70 4.59 -7.46 2.88
C THR A 70 5.05 -6.17 3.53
N PHE A 71 6.03 -6.28 4.41
CA PHE A 71 6.58 -5.15 5.14
C PHE A 71 7.97 -4.82 4.62
N GLN A 72 8.19 -3.58 4.24
CA GLN A 72 9.53 -3.12 3.93
C GLN A 72 9.90 -2.08 4.97
N VAL A 73 10.64 -2.50 5.99
CA VAL A 73 10.94 -1.63 7.11
C VAL A 73 12.40 -1.21 6.99
N PRO A 74 12.69 0.07 6.77
CA PRO A 74 14.08 0.51 6.79
C PRO A 74 14.69 0.16 8.13
N ARG A 75 15.95 -0.24 8.10
CA ARG A 75 16.63 -0.52 9.35
C ARG A 75 16.61 0.72 10.25
N GLY A 76 16.92 0.50 11.52
CA GLY A 76 16.91 1.60 12.50
C GLY A 76 15.56 2.07 13.03
N VAL A 77 14.60 2.33 12.15
CA VAL A 77 13.30 2.79 12.61
C VAL A 77 12.59 1.65 13.31
N GLU A 78 12.24 1.86 14.57
CA GLU A 78 11.43 0.90 15.30
C GLU A 78 10.00 0.92 14.77
N THR A 79 9.36 -0.23 14.82
CA THR A 79 8.04 -0.41 14.23
C THR A 79 7.16 -1.14 15.22
N VAL A 80 5.87 -0.94 15.09
CA VAL A 80 4.90 -1.49 16.04
C VAL A 80 3.68 -1.94 15.27
N VAL A 81 3.21 -3.16 15.52
CA VAL A 81 2.06 -3.69 14.82
C VAL A 81 1.01 -4.13 15.83
N ARG A 82 -0.22 -3.70 15.60
CA ARG A 82 -1.38 -4.19 16.34
C ARG A 82 -2.05 -5.27 15.52
N PHE A 83 -2.13 -6.47 16.08
CA PHE A 83 -2.77 -7.61 15.43
C PHE A 83 -4.13 -7.83 16.06
N ILE A 84 -5.17 -7.75 15.24
CA ILE A 84 -6.54 -7.74 15.71
C ILE A 84 -7.20 -9.06 15.34
N ASN A 85 -7.40 -9.91 16.32
CA ASN A 85 -8.04 -11.19 16.09
C ASN A 85 -9.53 -10.95 15.85
N ASN A 86 -9.95 -11.02 14.61
CA ASN A 86 -11.37 -11.05 14.30
C ASN A 86 -11.81 -12.43 13.80
N ALA A 87 -11.13 -13.48 14.26
CA ALA A 87 -11.18 -14.80 13.67
C ALA A 87 -11.99 -15.74 14.55
N GLU A 88 -11.65 -17.04 14.52
CA GLU A 88 -12.41 -18.09 15.16
C GLU A 88 -11.59 -18.86 16.17
N ALA A 89 -10.30 -18.61 16.27
CA ALA A 89 -9.41 -19.38 17.12
C ALA A 89 -8.24 -18.50 17.53
N PRO A 90 -7.61 -18.79 18.66
CA PRO A 90 -6.57 -17.89 19.16
C PRO A 90 -5.39 -17.79 18.21
N ASN A 91 -4.56 -16.78 18.41
CA ASN A 91 -3.40 -16.59 17.56
C ASN A 91 -2.25 -16.03 18.39
N SER A 92 -1.05 -16.15 17.84
CA SER A 92 0.11 -15.57 18.49
C SER A 92 1.11 -15.36 17.37
N VAL A 93 1.51 -14.12 17.13
CA VAL A 93 2.29 -13.81 15.95
C VAL A 93 3.77 -13.87 16.25
N HIS A 94 4.53 -14.50 15.35
CA HIS A 94 5.98 -14.50 15.39
C HIS A 94 6.51 -13.82 14.16
N LEU A 95 7.46 -12.91 14.34
CA LEU A 95 8.15 -12.28 13.22
C LEU A 95 9.44 -13.05 13.08
N HIS A 96 9.44 -14.03 12.20
CA HIS A 96 10.53 -14.98 12.16
C HIS A 96 11.77 -14.28 11.67
N GLY A 97 12.75 -14.10 12.53
CA GLY A 97 14.00 -13.47 12.14
C GLY A 97 14.36 -12.22 12.91
N SER A 98 13.53 -11.70 13.82
CA SER A 98 13.83 -10.51 14.60
C SER A 98 14.15 -10.89 16.03
N PHE A 99 15.25 -10.36 16.56
CA PHE A 99 15.57 -10.60 17.97
C PHE A 99 14.73 -9.70 18.87
N SER A 100 13.42 -9.88 18.74
CA SER A 100 12.48 -9.12 19.54
C SER A 100 12.59 -9.52 21.00
N ARG A 101 11.81 -8.85 21.82
CA ARG A 101 11.77 -9.19 23.23
C ARG A 101 10.79 -10.32 23.43
N ALA A 102 11.03 -11.11 24.48
CA ALA A 102 10.31 -12.36 24.69
C ALA A 102 8.80 -12.21 24.49
N ALA A 103 8.21 -11.12 24.96
CA ALA A 103 6.76 -10.95 24.88
C ALA A 103 6.28 -10.42 23.55
N PHE A 104 7.19 -10.08 22.64
CA PHE A 104 6.82 -9.65 21.30
C PHE A 104 7.23 -10.66 20.24
N ASP A 105 7.79 -11.78 20.63
CA ASP A 105 8.34 -12.75 19.71
C ASP A 105 7.37 -13.84 19.30
N GLY A 106 6.21 -13.92 19.92
CA GLY A 106 5.26 -14.94 19.54
C GLY A 106 5.37 -16.21 20.34
N TRP A 107 5.65 -16.07 21.65
CA TRP A 107 5.60 -17.19 22.57
C TRP A 107 4.29 -17.95 22.41
N ALA A 108 4.37 -19.29 22.39
CA ALA A 108 3.27 -20.08 21.89
C ALA A 108 2.07 -20.03 22.80
N GLU A 109 2.27 -19.71 24.07
CA GLU A 109 1.14 -19.51 24.97
C GLU A 109 0.71 -18.06 25.10
N ASP A 110 1.50 -17.11 24.59
CA ASP A 110 1.14 -15.70 24.68
C ASP A 110 0.21 -15.39 23.52
N ILE A 111 -1.07 -15.58 23.75
CA ILE A 111 -2.02 -15.79 22.67
C ILE A 111 -3.09 -14.71 22.76
N THR A 112 -3.85 -14.56 21.69
CA THR A 112 -4.86 -13.52 21.53
C THR A 112 -6.14 -14.20 21.06
N GLU A 113 -7.17 -14.18 21.87
CA GLU A 113 -8.41 -14.81 21.46
C GLU A 113 -9.19 -13.88 20.57
N PRO A 114 -10.10 -14.41 19.74
CA PRO A 114 -10.92 -13.53 18.91
C PRO A 114 -11.68 -12.55 19.78
N GLY A 115 -11.81 -11.32 19.31
CA GLY A 115 -12.31 -10.28 20.17
C GLY A 115 -11.27 -9.69 21.08
N SER A 116 -9.99 -9.84 20.74
CA SER A 116 -8.93 -9.13 21.41
C SER A 116 -7.86 -8.78 20.39
N PHE A 117 -6.86 -8.04 20.83
CA PHE A 117 -5.74 -7.68 19.97
C PHE A 117 -4.49 -7.58 20.85
N LYS A 118 -3.35 -7.40 20.22
CA LYS A 118 -2.11 -7.28 20.98
C LYS A 118 -1.13 -6.52 20.11
N ASP A 119 -0.32 -5.68 20.73
CA ASP A 119 0.63 -4.84 20.01
C ASP A 119 2.01 -5.43 20.11
N TYR A 120 2.67 -5.57 18.98
CA TYR A 120 4.04 -6.07 18.93
C TYR A 120 4.96 -4.93 18.55
N TYR A 121 6.10 -4.85 19.21
CA TYR A 121 7.01 -3.72 19.09
C TYR A 121 8.27 -4.36 18.55
N TYR A 122 8.70 -3.93 17.39
CA TYR A 122 9.78 -4.64 16.73
C TYR A 122 10.97 -3.70 16.60
N PRO A 123 12.15 -4.18 16.81
CA PRO A 123 13.32 -3.30 16.86
C PRO A 123 13.82 -2.82 15.50
N ASN A 124 13.78 -3.71 14.51
CA ASN A 124 14.29 -3.45 13.17
C ASN A 124 15.74 -2.97 13.21
N ARG A 125 16.56 -3.67 13.99
CA ARG A 125 17.94 -3.27 14.20
C ARG A 125 18.97 -4.17 13.52
N GLN A 126 18.56 -5.29 12.94
CA GLN A 126 19.56 -6.22 12.45
C GLN A 126 19.95 -5.91 11.01
N SER A 127 20.80 -6.74 10.46
CA SER A 127 21.29 -6.53 9.12
C SER A 127 20.19 -6.80 8.11
N ALA A 128 20.35 -6.22 6.93
CA ALA A 128 19.41 -6.42 5.83
C ALA A 128 19.19 -7.92 5.62
N ARG A 129 17.92 -8.28 5.52
CA ARG A 129 17.53 -9.67 5.60
C ARG A 129 16.05 -9.72 5.30
N THR A 130 15.58 -10.91 4.99
CA THR A 130 14.18 -11.16 4.68
C THR A 130 13.55 -11.94 5.81
N LEU A 131 12.42 -11.45 6.33
CA LEU A 131 11.81 -12.05 7.48
C LEU A 131 10.37 -12.32 7.13
N TRP A 132 9.73 -13.12 7.97
CA TRP A 132 8.33 -13.41 7.75
C TRP A 132 7.65 -13.51 9.09
N TYR A 133 6.37 -13.22 9.09
CA TYR A 133 5.58 -13.33 10.30
C TYR A 133 4.55 -14.42 10.09
N HIS A 134 4.41 -15.27 11.09
CA HIS A 134 3.44 -16.36 11.00
C HIS A 134 2.83 -16.56 12.37
N ASP A 135 1.72 -17.30 12.40
CA ASP A 135 1.16 -17.68 13.68
C ASP A 135 2.10 -18.62 14.42
N HIS A 136 1.94 -18.65 15.74
CA HIS A 136 2.73 -19.51 16.59
C HIS A 136 1.90 -20.04 17.75
N ALA A 137 0.57 -19.99 17.64
CA ALA A 137 -0.27 -20.43 18.73
C ALA A 137 -0.03 -21.90 19.03
N MET A 138 0.03 -22.23 20.31
CA MET A 138 0.41 -23.58 20.75
C MET A 138 -0.56 -24.62 20.22
N HIS A 139 -0.01 -25.65 19.58
CA HIS A 139 -0.70 -26.86 19.14
C HIS A 139 -1.66 -26.62 17.98
N ILE A 140 -1.72 -25.43 17.43
CA ILE A 140 -2.58 -25.20 16.28
C ILE A 140 -1.81 -24.38 15.26
N THR A 141 -0.50 -24.31 15.44
CA THR A 141 0.35 -23.51 14.56
C THR A 141 0.32 -24.03 13.14
N ALA A 142 0.27 -25.35 12.97
CA ALA A 142 0.25 -25.94 11.62
C ALA A 142 -0.96 -25.46 10.83
N GLU A 143 -2.14 -25.61 11.43
CA GLU A 143 -3.38 -25.29 10.74
C GLU A 143 -3.59 -23.79 10.59
N ASN A 144 -3.13 -22.98 11.56
CA ASN A 144 -3.23 -21.53 11.45
C ASN A 144 -2.41 -21.00 10.28
N ALA A 145 -1.19 -21.53 10.12
CA ALA A 145 -0.37 -21.14 8.99
C ALA A 145 -0.88 -21.75 7.69
N TYR A 146 -1.27 -23.02 7.74
CA TYR A 146 -1.80 -23.68 6.55
C TYR A 146 -2.89 -22.85 5.91
N ARG A 147 -3.77 -22.28 6.71
CA ARG A 147 -4.92 -21.59 6.16
C ARG A 147 -4.64 -20.13 5.80
N GLY A 148 -3.44 -19.62 6.02
CA GLY A 148 -3.12 -18.30 5.51
C GLY A 148 -2.33 -17.36 6.38
N GLN A 149 -2.11 -17.68 7.65
CA GLN A 149 -1.51 -16.72 8.55
C GLN A 149 0.01 -16.72 8.40
N ALA A 150 0.48 -16.10 7.33
CA ALA A 150 1.91 -15.86 7.20
C ALA A 150 2.14 -14.77 6.18
N GLY A 151 3.32 -14.17 6.25
CA GLY A 151 3.61 -13.14 5.27
C GLY A 151 5.04 -12.65 5.38
N LEU A 152 5.38 -11.76 4.47
CA LEU A 152 6.72 -11.22 4.33
C LEU A 152 6.96 -9.98 5.20
N TYR A 153 8.21 -9.60 5.32
CA TYR A 153 8.66 -8.50 6.15
C TYR A 153 10.15 -8.33 5.92
N MET A 154 10.57 -7.22 5.34
CA MET A 154 11.95 -7.07 4.87
C MET A 154 12.65 -5.98 5.67
N LEU A 155 13.70 -6.36 6.39
CA LEU A 155 14.58 -5.40 7.04
C LEU A 155 15.54 -4.92 5.97
N THR A 156 15.32 -3.72 5.46
CA THR A 156 16.10 -3.23 4.33
C THR A 156 17.27 -2.38 4.81
N ASP A 157 18.04 -1.89 3.85
CA ASP A 157 19.22 -1.09 4.15
C ASP A 157 19.68 -0.36 2.90
N PRO A 158 19.63 0.96 2.87
CA PRO A 158 20.04 1.69 1.66
C PRO A 158 21.52 1.55 1.35
N ALA A 159 22.35 1.22 2.34
CA ALA A 159 23.76 1.00 2.06
C ALA A 159 23.94 -0.12 1.05
N GLU A 160 23.38 -1.30 1.34
CA GLU A 160 23.50 -2.41 0.41
C GLU A 160 22.71 -2.16 -0.86
N ASP A 161 21.71 -1.31 -0.82
CA ASP A 161 21.06 -0.91 -2.05
C ASP A 161 22.06 -0.30 -3.02
N ALA A 162 23.17 0.23 -2.50
CA ALA A 162 24.25 0.72 -3.35
C ALA A 162 25.08 -0.43 -3.87
N LEU A 163 24.45 -1.57 -4.15
CA LEU A 163 25.07 -2.64 -4.91
C LEU A 163 24.35 -2.93 -6.21
N ASN A 164 23.22 -2.26 -6.44
CA ASN A 164 22.48 -2.31 -7.71
C ASN A 164 22.17 -3.74 -8.14
N LEU A 165 21.84 -4.59 -7.16
CA LEU A 165 21.22 -5.86 -7.50
C LEU A 165 19.87 -5.60 -8.16
N PRO A 166 19.31 -6.57 -8.83
CA PRO A 166 17.96 -6.38 -9.37
C PRO A 166 17.03 -5.87 -8.28
N SER A 167 16.62 -4.62 -8.43
CA SER A 167 15.96 -3.87 -7.36
C SER A 167 14.47 -3.73 -7.64
N GLY A 168 13.75 -3.32 -6.61
CA GLY A 168 12.36 -3.00 -6.78
C GLY A 168 11.46 -4.19 -6.64
N TYR A 169 10.75 -4.23 -5.52
CA TYR A 169 9.72 -5.23 -5.28
C TYR A 169 8.82 -5.33 -6.50
N GLY A 170 8.47 -6.58 -6.87
CA GLY A 170 7.48 -6.80 -7.87
C GLY A 170 7.96 -6.71 -9.29
N GLU A 171 9.20 -6.30 -9.54
CA GLU A 171 9.65 -6.27 -10.93
C GLU A 171 10.99 -6.97 -11.09
N PHE A 172 12.01 -6.56 -10.35
CA PHE A 172 13.27 -7.27 -10.38
C PHE A 172 13.59 -7.93 -9.06
N ASP A 173 12.74 -7.81 -8.06
CA ASP A 173 13.00 -8.25 -6.70
C ASP A 173 11.76 -8.97 -6.23
N ILE A 174 11.60 -10.23 -6.62
CA ILE A 174 10.29 -10.88 -6.54
C ILE A 174 10.23 -11.89 -5.39
N PRO A 175 9.11 -11.97 -4.68
CA PRO A 175 9.01 -12.94 -3.58
C PRO A 175 8.50 -14.30 -4.05
N MET A 176 9.10 -15.35 -3.45
CA MET A 176 8.76 -16.74 -3.74
C MET A 176 8.42 -17.45 -2.44
N ILE A 177 7.14 -17.47 -2.10
CA ILE A 177 6.65 -18.07 -0.87
C ILE A 177 6.12 -19.45 -1.23
N LEU A 178 6.92 -20.47 -0.97
CA LEU A 178 6.58 -21.84 -1.35
C LEU A 178 5.72 -22.48 -0.28
N THR A 179 4.58 -23.00 -0.68
CA THR A 179 3.77 -23.85 0.17
C THR A 179 3.34 -25.07 -0.64
N SER A 180 2.82 -26.06 0.08
CA SER A 180 2.42 -27.35 -0.49
C SER A 180 1.19 -27.79 0.27
N LYS A 181 0.06 -27.91 -0.42
CA LYS A 181 -1.23 -28.09 0.24
C LYS A 181 -2.01 -29.20 -0.44
N GLN A 182 -3.25 -29.39 0.00
CA GLN A 182 -4.12 -30.39 -0.57
C GLN A 182 -5.54 -29.86 -0.52
N TYR A 183 -6.36 -30.21 -1.53
CA TYR A 183 -7.70 -29.65 -1.68
C TYR A 183 -8.73 -30.74 -1.84
N THR A 184 -9.96 -30.42 -1.45
CA THR A 184 -11.08 -31.33 -1.56
C THR A 184 -11.48 -31.47 -3.01
N ALA A 185 -12.38 -32.40 -3.27
CA ALA A 185 -13.02 -32.44 -4.58
C ALA A 185 -13.71 -31.13 -4.86
N ASN A 186 -14.57 -30.68 -3.92
CA ASN A 186 -15.41 -29.50 -4.09
C ASN A 186 -14.58 -28.23 -4.24
N GLY A 187 -13.27 -28.28 -4.01
CA GLY A 187 -12.42 -27.14 -4.20
C GLY A 187 -11.79 -26.58 -2.94
N ASN A 188 -12.19 -27.04 -1.77
CA ASN A 188 -11.73 -26.45 -0.52
C ASN A 188 -10.49 -27.15 -0.02
N LEU A 189 -9.78 -26.47 0.86
CA LEU A 189 -8.61 -27.07 1.49
C LEU A 189 -8.99 -28.31 2.28
N VAL A 190 -8.05 -29.24 2.37
CA VAL A 190 -8.18 -30.39 3.26
C VAL A 190 -7.42 -30.07 4.54
N THR A 191 -8.02 -30.34 5.70
CA THR A 191 -7.40 -29.86 6.95
C THR A 191 -6.13 -30.64 7.27
N THR A 192 -5.15 -29.93 7.85
CA THR A 192 -4.04 -30.57 8.52
C THR A 192 -4.42 -31.18 9.86
N ASN A 193 -5.64 -30.96 10.31
CA ASN A 193 -6.07 -31.54 11.57
C ASN A 193 -6.02 -33.06 11.49
N GLY A 194 -5.41 -33.69 12.49
CA GLY A 194 -5.38 -35.12 12.57
C GLY A 194 -4.11 -35.74 12.05
N GLU A 195 -3.28 -34.98 11.36
CA GLU A 195 -2.00 -35.51 10.96
C GLU A 195 -1.06 -35.47 12.13
N LEU A 196 -0.33 -36.57 12.32
CA LEU A 196 0.61 -36.75 13.41
C LEU A 196 2.05 -36.92 12.93
N ASN A 197 2.28 -36.99 11.63
CA ASN A 197 3.63 -37.14 11.10
C ASN A 197 4.06 -35.96 10.25
N SER A 198 3.36 -35.73 9.16
CA SER A 198 3.67 -34.68 8.21
C SER A 198 2.49 -34.56 7.27
N PHE A 199 2.25 -33.35 6.82
CA PHE A 199 1.26 -33.04 5.81
C PHE A 199 2.09 -32.55 4.64
N TRP A 200 2.33 -33.44 3.67
CA TRP A 200 3.16 -33.08 2.54
C TRP A 200 2.40 -32.19 1.59
N GLY A 201 1.17 -32.57 1.25
CA GLY A 201 0.35 -31.82 0.34
C GLY A 201 0.76 -32.13 -1.08
N ASP A 202 -0.18 -32.17 -2.01
CA ASP A 202 0.14 -32.54 -3.38
C ASP A 202 0.05 -31.38 -4.36
N VAL A 203 -0.38 -30.19 -3.92
CA VAL A 203 -0.50 -29.02 -4.79
C VAL A 203 0.55 -28.00 -4.37
N ILE A 204 1.35 -27.56 -5.34
CA ILE A 204 2.45 -26.62 -5.10
C ILE A 204 1.98 -25.21 -5.43
N HIS A 205 2.22 -24.26 -4.53
CA HIS A 205 1.81 -22.88 -4.71
C HIS A 205 3.01 -21.95 -4.58
N VAL A 206 2.94 -20.80 -5.26
CA VAL A 206 3.85 -19.68 -5.03
C VAL A 206 3.01 -18.42 -4.84
N ASN A 207 3.27 -17.70 -3.75
CA ASN A 207 2.43 -16.57 -3.32
C ASN A 207 0.96 -16.93 -3.27
N GLY A 208 0.67 -18.13 -2.78
CA GLY A 208 -0.69 -18.62 -2.72
C GLY A 208 -1.23 -19.11 -4.03
N GLN A 209 -0.39 -19.22 -5.06
CA GLN A 209 -0.87 -19.57 -6.40
C GLN A 209 -0.36 -20.93 -6.82
N PRO A 210 -1.24 -21.91 -7.01
CA PRO A 210 -0.83 -23.22 -7.55
C PRO A 210 -0.29 -23.10 -8.96
N TRP A 211 0.89 -23.64 -9.18
CA TRP A 211 1.52 -23.80 -10.47
C TRP A 211 1.26 -22.67 -11.45
N PRO A 212 2.05 -21.63 -11.35
CA PRO A 212 1.86 -20.45 -12.16
C PRO A 212 3.00 -20.07 -13.07
N PHE A 213 2.78 -19.06 -13.85
CA PHE A 213 3.82 -18.58 -14.75
C PHE A 213 4.26 -17.16 -14.50
N LYS A 214 5.41 -16.79 -15.04
CA LYS A 214 5.97 -15.44 -14.96
C LYS A 214 6.82 -15.19 -16.20
N ASN A 215 6.50 -14.14 -16.95
CA ASN A 215 7.32 -13.72 -18.08
C ASN A 215 8.40 -12.77 -17.61
N VAL A 216 9.59 -12.97 -18.09
CA VAL A 216 10.72 -12.25 -17.62
C VAL A 216 11.56 -11.70 -18.75
N GLU A 217 12.61 -11.00 -18.41
CA GLU A 217 13.44 -10.44 -19.40
C GLU A 217 14.81 -11.02 -19.29
N PRO A 218 15.44 -11.17 -20.46
CA PRO A 218 16.77 -11.78 -20.55
C PRO A 218 17.81 -10.98 -19.77
N ARG A 219 17.63 -10.90 -18.46
CA ARG A 219 18.52 -10.16 -17.62
C ARG A 219 18.55 -10.66 -16.17
N LYS A 220 19.48 -10.18 -15.38
CA LYS A 220 19.61 -10.59 -13.99
C LYS A 220 18.35 -10.23 -13.20
N TYR A 221 17.93 -11.14 -12.34
CA TYR A 221 16.73 -11.02 -11.52
C TYR A 221 17.05 -11.41 -10.10
N ARG A 222 16.41 -10.78 -9.12
CA ARG A 222 16.56 -11.21 -7.74
C ARG A 222 15.32 -11.97 -7.30
N PHE A 223 15.51 -13.20 -6.83
CA PHE A 223 14.42 -14.04 -6.35
C PHE A 223 14.61 -14.29 -4.86
N ARG A 224 13.53 -14.14 -4.11
CA ARG A 224 13.57 -14.35 -2.66
C ARG A 224 12.74 -15.58 -2.34
N PHE A 225 13.39 -16.63 -1.84
CA PHE A 225 12.77 -17.93 -1.71
C PHE A 225 12.41 -18.22 -0.27
N LEU A 226 11.20 -18.70 -0.05
CA LEU A 226 10.76 -19.01 1.29
C LEU A 226 9.90 -20.26 1.27
N ASP A 227 10.35 -21.28 1.98
CA ASP A 227 9.57 -22.49 2.14
C ASP A 227 8.64 -22.28 3.32
N ALA A 228 7.43 -21.87 3.04
CA ALA A 228 6.44 -21.64 4.07
C ALA A 228 5.54 -22.83 4.27
N ALA A 229 5.92 -23.98 3.73
CA ALA A 229 5.03 -25.12 3.78
C ALA A 229 4.96 -25.67 5.20
N VAL A 230 3.99 -26.56 5.42
CA VAL A 230 3.81 -27.17 6.72
C VAL A 230 4.86 -28.25 6.96
N SER A 231 5.03 -29.15 5.99
CA SER A 231 5.92 -30.28 6.18
C SER A 231 6.89 -30.55 5.03
N ARG A 232 6.70 -29.91 3.86
CA ARG A 232 7.50 -30.23 2.68
C ARG A 232 8.77 -29.41 2.61
N SER A 233 9.88 -30.09 2.35
CA SER A 233 11.15 -29.48 1.98
C SER A 233 11.29 -29.51 0.46
N PHE A 234 12.15 -28.64 -0.06
CA PHE A 234 12.24 -28.49 -1.49
C PHE A 234 13.67 -28.65 -1.95
N GLY A 235 13.83 -29.09 -3.20
CA GLY A 235 15.15 -29.18 -3.79
C GLY A 235 15.05 -28.58 -5.17
N LEU A 236 15.39 -27.31 -5.28
CA LEU A 236 15.01 -26.53 -6.44
C LEU A 236 16.17 -26.39 -7.41
N TYR A 237 15.84 -26.45 -8.70
CA TYR A 237 16.81 -26.23 -9.76
C TYR A 237 16.02 -25.67 -10.93
N PHE A 238 16.74 -25.05 -11.87
CA PHE A 238 16.13 -24.53 -13.08
C PHE A 238 16.54 -25.38 -14.26
N ALA A 239 15.66 -25.55 -15.23
CA ALA A 239 15.94 -26.36 -16.36
C ALA A 239 15.19 -25.85 -17.53
N ASP A 240 15.81 -25.85 -18.70
CA ASP A 240 15.23 -25.36 -19.92
C ASP A 240 14.22 -26.33 -20.33
N THR A 241 13.00 -25.90 -20.48
CA THR A 241 11.92 -26.79 -20.82
C THR A 241 12.19 -27.87 -21.82
N ASP A 242 13.37 -27.89 -22.39
CA ASP A 242 13.67 -28.75 -23.49
C ASP A 242 14.77 -29.71 -23.18
N ALA A 243 15.38 -29.54 -22.03
CA ALA A 243 16.29 -30.49 -21.46
C ALA A 243 16.01 -30.50 -19.97
N ILE A 244 14.75 -30.70 -19.65
CA ILE A 244 14.30 -30.60 -18.31
C ILE A 244 15.16 -31.33 -17.32
N ASP A 245 15.97 -32.27 -17.76
CA ASP A 245 16.86 -32.93 -16.83
C ASP A 245 18.19 -32.21 -16.69
N THR A 246 18.36 -31.04 -17.30
CA THR A 246 19.60 -30.28 -17.20
C THR A 246 19.40 -29.09 -16.28
N ARG A 247 20.29 -28.95 -15.32
CA ARG A 247 20.11 -27.96 -14.26
C ARG A 247 20.73 -26.64 -14.70
N LEU A 248 19.90 -25.60 -14.75
CA LEU A 248 20.61 -24.36 -15.04
C LEU A 248 21.12 -23.74 -13.75
N PRO A 249 22.32 -23.19 -13.80
CA PRO A 249 22.99 -22.75 -12.58
C PRO A 249 22.70 -21.29 -12.29
N PHE A 250 22.81 -20.95 -11.01
CA PHE A 250 22.43 -19.62 -10.56
C PHE A 250 23.35 -19.25 -9.42
N LYS A 251 23.06 -18.13 -8.78
CA LYS A 251 23.90 -17.60 -7.72
C LYS A 251 23.00 -17.36 -6.52
N VAL A 252 23.45 -17.79 -5.36
CA VAL A 252 22.68 -17.61 -4.14
C VAL A 252 23.31 -16.44 -3.39
N ILE A 253 22.54 -15.38 -3.18
CA ILE A 253 23.13 -14.15 -2.71
C ILE A 253 22.99 -14.02 -1.20
N ALA A 254 21.91 -14.54 -0.63
CA ALA A 254 21.72 -14.38 0.80
C ALA A 254 21.00 -15.59 1.40
N SER A 255 21.29 -15.86 2.67
CA SER A 255 20.59 -16.88 3.44
C SER A 255 19.53 -16.23 4.32
N ASP A 256 19.29 -16.82 5.49
CA ASP A 256 18.18 -16.37 6.33
C ASP A 256 18.48 -15.02 6.97
N SER A 257 19.66 -14.86 7.54
CA SER A 257 20.01 -13.63 8.24
C SER A 257 20.61 -12.57 7.32
N GLY A 258 20.65 -12.79 6.03
CA GLY A 258 21.21 -11.82 5.10
C GLY A 258 22.39 -12.38 4.31
N LEU A 259 22.97 -11.49 3.51
CA LEU A 259 23.90 -11.86 2.44
C LEU A 259 25.04 -12.71 2.97
N LEU A 260 25.53 -13.59 2.10
CA LEU A 260 26.73 -14.38 2.40
C LEU A 260 27.96 -13.56 2.05
N GLU A 261 29.12 -14.01 2.47
CA GLU A 261 30.36 -13.28 2.22
C GLU A 261 30.69 -13.24 0.74
N HIS A 262 30.26 -14.24 -0.02
CA HIS A 262 30.49 -14.30 -1.45
C HIS A 262 29.31 -15.04 -2.06
N PRO A 263 28.91 -14.69 -3.27
CA PRO A 263 27.78 -15.39 -3.88
C PRO A 263 28.10 -16.86 -4.05
N ALA A 264 27.24 -17.70 -3.51
CA ALA A 264 27.40 -19.14 -3.65
C ALA A 264 26.94 -19.54 -5.04
N ASP A 265 27.89 -20.00 -5.85
CA ASP A 265 27.55 -20.47 -7.18
C ASP A 265 27.02 -21.89 -7.06
N THR A 266 25.80 -22.11 -7.54
CA THR A 266 25.11 -23.38 -7.36
C THR A 266 24.16 -23.59 -8.53
N SER A 267 23.59 -24.80 -8.56
CA SER A 267 22.62 -25.18 -9.57
C SER A 267 21.42 -25.90 -8.96
N LEU A 268 21.45 -26.18 -7.66
CA LEU A 268 20.36 -26.83 -6.95
C LEU A 268 20.29 -26.29 -5.54
N LEU A 269 19.11 -25.82 -5.12
CA LEU A 269 18.95 -25.16 -3.84
C LEU A 269 18.15 -26.04 -2.88
N TYR A 270 18.84 -26.62 -1.92
CA TYR A 270 18.19 -27.29 -0.80
C TYR A 270 17.53 -26.26 0.10
N ILE A 271 16.22 -26.31 0.24
CA ILE A 271 15.55 -25.35 1.11
C ILE A 271 14.43 -26.04 1.89
N SER A 272 14.49 -25.97 3.21
CA SER A 272 13.51 -26.59 4.10
C SER A 272 12.56 -25.56 4.70
N MET A 273 11.58 -26.03 5.48
CA MET A 273 10.58 -25.13 6.06
C MET A 273 11.22 -24.03 6.88
N ALA A 274 10.83 -22.78 6.59
CA ALA A 274 11.24 -21.53 7.22
C ALA A 274 12.61 -21.04 6.77
N GLU A 275 13.28 -21.73 5.86
CA GLU A 275 14.55 -21.23 5.40
C GLU A 275 14.32 -20.15 4.35
N ARG A 276 15.23 -19.18 4.32
CA ARG A 276 15.18 -18.15 3.31
C ARG A 276 16.52 -18.10 2.60
N TYR A 277 16.47 -18.14 1.28
CA TYR A 277 17.63 -17.85 0.47
C TYR A 277 17.20 -16.87 -0.60
N GLU A 278 18.11 -16.00 -0.99
CA GLU A 278 17.87 -15.06 -2.08
C GLU A 278 18.76 -15.44 -3.25
N VAL A 279 18.17 -15.48 -4.43
CA VAL A 279 18.83 -15.99 -5.62
C VAL A 279 18.77 -14.91 -6.67
N VAL A 280 19.84 -14.76 -7.43
CA VAL A 280 19.83 -14.00 -8.66
C VAL A 280 20.03 -14.97 -9.81
N PHE A 281 19.29 -14.77 -10.88
CA PHE A 281 19.39 -15.67 -12.02
C PHE A 281 19.57 -14.86 -13.29
N ASP A 282 20.75 -14.95 -13.90
CA ASP A 282 20.98 -14.36 -15.21
C ASP A 282 20.07 -15.05 -16.23
N PHE A 283 18.94 -14.43 -16.54
CA PHE A 283 18.18 -14.86 -17.71
C PHE A 283 18.86 -14.40 -19.00
N SER A 284 20.13 -14.03 -18.91
CA SER A 284 20.86 -13.57 -20.08
C SER A 284 20.75 -14.57 -21.23
N ASP A 285 21.23 -15.80 -21.00
CA ASP A 285 21.45 -16.73 -22.10
C ASP A 285 20.22 -17.50 -22.50
N TYR A 286 19.15 -17.40 -21.74
CA TYR A 286 17.94 -18.16 -22.04
C TYR A 286 16.90 -17.31 -22.72
N ALA A 287 17.35 -16.29 -23.43
CA ALA A 287 16.46 -15.39 -24.12
C ALA A 287 15.54 -16.17 -25.05
N GLY A 288 14.27 -15.79 -25.06
CA GLY A 288 13.34 -16.38 -26.00
C GLY A 288 12.63 -17.60 -25.47
N LYS A 289 13.33 -18.43 -24.70
CA LYS A 289 12.81 -19.76 -24.39
C LYS A 289 11.84 -19.71 -23.22
N THR A 290 11.82 -20.77 -22.40
CA THR A 290 10.93 -20.82 -21.25
C THR A 290 11.52 -21.76 -20.21
N ILE A 291 12.04 -21.17 -19.15
CA ILE A 291 12.71 -21.87 -18.08
C ILE A 291 11.68 -22.38 -17.08
N GLU A 292 11.92 -23.57 -16.55
CA GLU A 292 11.03 -24.16 -15.57
C GLU A 292 11.81 -24.40 -14.29
N LEU A 293 11.22 -24.03 -13.17
CA LEU A 293 11.78 -24.26 -11.85
C LEU A 293 11.16 -25.53 -11.31
N ARG A 294 11.99 -26.49 -10.98
CA ARG A 294 11.48 -27.81 -10.68
C ARG A 294 11.82 -28.16 -9.25
N ASN A 295 11.26 -29.27 -8.79
CA ASN A 295 11.52 -29.76 -7.44
C ASN A 295 12.11 -31.17 -7.52
N LEU A 296 13.18 -31.38 -6.79
CA LEU A 296 13.89 -32.65 -6.83
C LEU A 296 13.05 -33.75 -6.21
N GLY A 297 12.68 -34.75 -7.01
CA GLY A 297 11.90 -35.88 -6.54
C GLY A 297 12.75 -36.87 -5.80
N GLY A 298 12.20 -38.06 -5.59
CA GLY A 298 12.96 -39.03 -4.80
C GLY A 298 13.17 -38.61 -3.37
N SER A 299 12.19 -37.91 -2.78
CA SER A 299 12.31 -37.39 -1.43
C SER A 299 13.53 -36.51 -1.29
N ILE A 300 13.56 -35.48 -2.13
CA ILE A 300 14.68 -34.55 -2.21
C ILE A 300 15.98 -35.32 -2.18
N GLY A 301 16.21 -36.17 -3.17
CA GLY A 301 17.51 -36.81 -3.31
C GLY A 301 17.90 -37.69 -2.15
N GLY A 302 16.93 -38.26 -1.46
CA GLY A 302 17.32 -39.05 -0.32
C GLY A 302 17.78 -38.25 0.89
N ILE A 303 17.70 -36.92 0.84
CA ILE A 303 17.97 -36.16 2.06
C ILE A 303 16.82 -36.30 3.02
N GLY A 304 15.60 -36.24 2.49
CA GLY A 304 14.42 -36.20 3.29
C GLY A 304 13.62 -37.48 3.25
N THR A 305 12.35 -37.36 3.65
CA THR A 305 11.41 -38.45 3.64
C THR A 305 10.12 -38.07 2.95
N ASP A 306 10.04 -36.88 2.38
CA ASP A 306 8.79 -36.38 1.81
C ASP A 306 8.23 -37.32 0.76
N THR A 307 6.91 -37.44 0.75
CA THR A 307 6.20 -38.17 -0.28
C THR A 307 6.00 -37.30 -1.52
N ASP A 308 6.46 -37.78 -2.68
CA ASP A 308 6.27 -37.07 -3.95
C ASP A 308 5.00 -37.52 -4.65
N TYR A 309 4.33 -36.59 -5.33
CA TYR A 309 3.08 -36.81 -6.05
C TYR A 309 3.28 -36.46 -7.52
N ASP A 310 2.23 -36.67 -8.33
CA ASP A 310 2.36 -36.51 -9.77
C ASP A 310 3.01 -35.20 -10.15
N ASN A 311 2.58 -34.11 -9.54
CA ASN A 311 3.01 -32.79 -9.98
C ASN A 311 3.76 -32.01 -8.92
N THR A 312 4.37 -32.67 -7.93
CA THR A 312 5.20 -31.97 -6.98
C THR A 312 6.64 -31.88 -7.42
N ASP A 313 6.95 -32.21 -8.67
CA ASP A 313 8.29 -31.94 -9.18
C ASP A 313 8.37 -30.62 -9.93
N LYS A 314 7.22 -30.01 -10.22
CA LYS A 314 7.14 -28.72 -10.89
C LYS A 314 6.68 -27.66 -9.91
N VAL A 315 7.40 -26.54 -9.86
CA VAL A 315 7.04 -25.39 -9.03
C VAL A 315 6.35 -24.31 -9.86
N MET A 316 6.98 -23.82 -10.93
CA MET A 316 6.32 -22.87 -11.84
C MET A 316 7.13 -22.74 -13.12
N ARG A 317 6.66 -21.87 -14.02
CA ARG A 317 7.26 -21.66 -15.33
C ARG A 317 7.62 -20.20 -15.56
N PHE A 318 8.82 -19.97 -16.10
CA PHE A 318 9.32 -18.63 -16.43
C PHE A 318 9.41 -18.47 -17.94
N VAL A 319 8.74 -17.46 -18.48
CA VAL A 319 8.75 -17.19 -19.91
C VAL A 319 9.71 -16.03 -20.16
N VAL A 320 10.89 -16.32 -20.68
CA VAL A 320 11.78 -15.23 -21.05
C VAL A 320 11.21 -14.54 -22.29
N ALA A 321 11.47 -13.24 -22.39
CA ALA A 321 11.01 -12.49 -23.55
C ALA A 321 12.03 -12.56 -24.67
N ASP A 322 11.63 -12.06 -25.84
CA ASP A 322 12.55 -12.05 -26.97
C ASP A 322 13.70 -11.07 -26.75
N ASP A 323 13.45 -9.97 -26.04
CA ASP A 323 14.45 -8.92 -25.88
C ASP A 323 14.23 -8.22 -24.55
N THR A 324 15.32 -7.78 -23.93
CA THR A 324 15.20 -6.85 -22.81
C THR A 324 14.58 -5.56 -23.30
N THR A 325 13.50 -5.13 -22.64
CA THR A 325 12.89 -3.88 -23.05
C THR A 325 13.79 -2.70 -22.70
N GLN A 326 14.61 -2.81 -21.66
CA GLN A 326 15.74 -1.90 -21.44
C GLN A 326 16.89 -2.68 -20.81
N PRO A 327 18.13 -2.28 -21.07
CA PRO A 327 19.27 -3.13 -20.72
C PRO A 327 19.43 -3.34 -19.23
N ASP A 328 20.24 -4.37 -18.91
CA ASP A 328 20.45 -4.83 -17.55
C ASP A 328 21.56 -4.00 -16.93
N THR A 329 21.19 -2.88 -16.32
CA THR A 329 22.17 -2.16 -15.52
C THR A 329 22.43 -2.83 -14.18
N SER A 330 21.51 -3.65 -13.69
CA SER A 330 21.73 -4.30 -12.40
C SER A 330 22.95 -5.20 -12.48
N VAL A 331 23.49 -5.50 -11.30
CA VAL A 331 24.79 -6.13 -11.19
C VAL A 331 24.77 -7.05 -9.98
N VAL A 332 25.64 -8.05 -10.00
CA VAL A 332 25.90 -8.88 -8.84
C VAL A 332 27.39 -8.81 -8.56
N PRO A 333 27.81 -8.21 -7.47
CA PRO A 333 29.25 -8.19 -7.14
C PRO A 333 29.70 -9.51 -6.54
N ALA A 334 30.99 -9.60 -6.23
CA ALA A 334 31.65 -10.84 -5.85
C ALA A 334 31.99 -10.88 -4.39
N ASN A 335 32.39 -9.76 -3.83
CA ASN A 335 32.29 -9.57 -2.40
C ASN A 335 30.92 -8.99 -2.13
N LEU A 336 30.32 -9.39 -1.01
CA LEU A 336 28.95 -8.99 -0.71
C LEU A 336 28.84 -8.18 0.56
N ARG A 337 29.49 -8.62 1.62
CA ARG A 337 29.37 -7.98 2.92
C ARG A 337 30.42 -8.63 3.78
N ASP A 338 30.72 -7.98 4.88
CA ASP A 338 31.41 -8.66 5.95
C ASP A 338 30.34 -9.30 6.82
N VAL A 339 30.48 -10.59 7.11
CA VAL A 339 29.49 -11.33 7.87
C VAL A 339 29.95 -11.35 9.33
N PRO A 340 29.21 -10.81 10.24
CA PRO A 340 29.64 -10.80 11.64
C PRO A 340 29.45 -12.15 12.32
N PHE A 341 30.17 -13.16 11.88
CA PHE A 341 30.14 -14.42 12.62
C PHE A 341 30.48 -14.16 14.08
N PRO A 342 30.06 -15.02 14.99
CA PRO A 342 30.44 -14.85 16.40
C PRO A 342 31.86 -15.30 16.66
N SER A 343 32.49 -14.64 17.62
CA SER A 343 33.85 -14.99 18.01
C SER A 343 33.86 -16.45 18.45
N PRO A 344 34.48 -17.34 17.68
CA PRO A 344 34.37 -18.77 17.96
C PRO A 344 34.70 -19.11 19.40
N THR A 345 33.99 -20.10 19.92
CA THR A 345 34.34 -20.75 21.16
C THR A 345 34.94 -22.10 20.85
N THR A 346 35.47 -22.73 21.89
CA THR A 346 36.05 -24.06 21.76
C THR A 346 35.39 -25.03 22.71
N ASN A 347 34.31 -24.61 23.35
CA ASN A 347 33.75 -25.45 24.39
C ASN A 347 32.99 -26.60 23.76
N THR A 348 32.70 -27.60 24.57
CA THR A 348 31.92 -28.73 24.12
C THR A 348 30.50 -28.28 23.82
N PRO A 349 29.91 -28.70 22.70
CA PRO A 349 28.56 -28.23 22.36
C PRO A 349 27.50 -28.78 23.27
N ARG A 350 26.39 -28.05 23.37
CA ARG A 350 25.19 -28.58 23.99
C ARG A 350 24.46 -29.50 23.01
N GLN A 351 23.94 -30.62 23.51
CA GLN A 351 23.36 -31.64 22.65
C GLN A 351 21.84 -31.65 22.75
N PHE A 352 21.19 -31.54 21.59
CA PHE A 352 19.74 -31.64 21.52
C PHE A 352 19.36 -32.70 20.50
N ARG A 353 18.54 -33.65 20.95
CA ARG A 353 18.14 -34.83 20.16
C ARG A 353 16.69 -34.70 19.77
N PHE A 354 16.41 -34.87 18.50
CA PHE A 354 15.10 -34.65 17.92
C PHE A 354 14.52 -35.97 17.44
N GLY A 355 13.63 -36.55 18.24
CA GLY A 355 12.95 -37.76 17.85
C GLY A 355 11.51 -37.81 18.29
N ARG A 356 10.96 -39.01 18.43
CA ARG A 356 9.62 -39.17 18.98
C ARG A 356 9.66 -40.13 20.15
N THR A 357 8.78 -39.87 21.09
CA THR A 357 8.54 -40.72 22.25
C THR A 357 7.14 -41.27 21.98
N GLY A 358 7.08 -42.50 21.51
CA GLY A 358 5.84 -43.01 21.01
C GLY A 358 5.34 -42.15 19.87
N PRO A 359 4.13 -41.63 20.00
CA PRO A 359 3.54 -40.85 18.92
C PRO A 359 3.91 -39.37 18.91
N THR A 360 4.63 -38.88 19.92
CA THR A 360 4.87 -37.46 20.11
C THR A 360 6.28 -37.11 19.73
N TRP A 361 6.45 -36.06 18.94
CA TRP A 361 7.77 -35.57 18.59
C TRP A 361 8.36 -34.75 19.74
N THR A 362 9.57 -35.11 20.16
CA THR A 362 10.16 -34.52 21.34
C THR A 362 11.55 -34.00 21.04
N ILE A 363 12.05 -33.16 21.92
CA ILE A 363 13.45 -32.73 21.93
C ILE A 363 14.04 -33.24 23.22
N ASN A 364 15.09 -34.03 23.12
CA ASN A 364 15.63 -34.66 24.30
C ASN A 364 14.52 -35.30 25.12
N GLY A 365 13.55 -35.89 24.42
CA GLY A 365 12.50 -36.63 25.10
C GLY A 365 11.50 -35.83 25.91
N VAL A 366 11.41 -34.51 25.73
CA VAL A 366 10.40 -33.73 26.42
C VAL A 366 9.54 -33.03 25.39
N ALA A 367 8.32 -32.74 25.79
CA ALA A 367 7.32 -32.15 24.94
C ALA A 367 7.01 -30.74 25.40
N PHE A 368 6.78 -29.82 24.47
CA PHE A 368 6.59 -28.43 24.87
C PHE A 368 5.57 -28.31 25.99
N ALA A 369 4.48 -29.06 25.90
CA ALA A 369 3.40 -28.96 26.88
C ALA A 369 3.83 -29.36 28.29
N ASP A 370 5.10 -29.67 28.50
CA ASP A 370 5.58 -30.18 29.77
C ASP A 370 6.30 -29.03 30.44
N VAL A 371 5.55 -28.24 31.21
CA VAL A 371 6.03 -26.95 31.68
C VAL A 371 7.24 -27.11 32.57
N GLN A 372 7.27 -28.16 33.39
CA GLN A 372 8.42 -28.40 34.25
C GLN A 372 9.70 -28.50 33.46
N ASN A 373 9.69 -29.27 32.38
CA ASN A 373 10.93 -29.65 31.74
C ASN A 373 11.12 -28.95 30.42
N ARG A 374 10.18 -28.07 30.08
CA ARG A 374 10.26 -27.28 28.86
C ARG A 374 11.56 -26.48 28.74
N LEU A 375 12.07 -25.95 29.84
CA LEU A 375 13.29 -25.17 29.78
C LEU A 375 14.47 -26.12 29.79
N LEU A 376 15.26 -26.10 28.72
CA LEU A 376 16.31 -27.08 28.56
C LEU A 376 17.70 -26.49 28.61
N ALA A 377 17.82 -25.16 28.62
CA ALA A 377 19.10 -24.50 28.74
C ALA A 377 18.91 -23.15 29.41
N ASN A 378 19.89 -22.76 30.21
CA ASN A 378 20.09 -21.38 30.65
C ASN A 378 21.35 -20.89 29.96
N VAL A 379 21.25 -19.80 29.20
CA VAL A 379 22.44 -19.22 28.59
C VAL A 379 22.58 -17.78 29.05
N PRO A 380 23.58 -17.45 29.85
CA PRO A 380 23.81 -16.03 30.17
C PRO A 380 24.02 -15.23 28.90
N VAL A 381 23.36 -14.07 28.83
CA VAL A 381 23.47 -13.25 27.64
C VAL A 381 24.91 -12.87 27.41
N GLY A 382 25.29 -12.74 26.15
CA GLY A 382 26.66 -12.48 25.80
C GLY A 382 27.50 -13.71 25.66
N THR A 383 26.95 -14.88 25.97
CA THR A 383 27.64 -16.12 25.73
C THR A 383 27.56 -16.49 24.26
N VAL A 384 28.62 -17.13 23.78
CA VAL A 384 28.63 -17.85 22.52
C VAL A 384 28.54 -19.33 22.86
N GLU A 385 27.63 -20.05 22.21
CA GLU A 385 27.51 -21.47 22.43
C GLU A 385 27.38 -22.18 21.09
N ARG A 386 28.18 -23.23 20.92
CA ARG A 386 27.94 -24.22 19.88
C ARG A 386 26.89 -25.20 20.36
N TRP A 387 25.90 -25.46 19.51
CA TRP A 387 24.84 -26.39 19.81
C TRP A 387 24.86 -27.49 18.77
N GLU A 388 24.79 -28.72 19.22
CA GLU A 388 24.80 -29.86 18.30
C GLU A 388 23.39 -30.40 18.16
N LEU A 389 22.86 -30.36 16.95
CA LEU A 389 21.49 -30.77 16.68
C LEU A 389 21.53 -32.15 16.05
N ILE A 390 20.84 -33.11 16.66
CA ILE A 390 21.01 -34.52 16.36
C ILE A 390 19.68 -35.10 15.88
N ASN A 391 19.63 -35.50 14.63
CA ASN A 391 18.56 -36.34 14.12
C ASN A 391 19.12 -37.73 13.92
N ALA A 392 18.84 -38.62 14.85
CA ALA A 392 19.33 -39.98 14.70
C ALA A 392 18.42 -40.83 13.84
N GLY A 393 17.30 -40.31 13.42
CA GLY A 393 16.31 -41.11 12.78
C GLY A 393 16.48 -41.17 11.30
N ASN A 394 15.88 -42.20 10.72
CA ASN A 394 15.92 -42.43 9.29
C ASN A 394 14.60 -42.11 8.63
N GLY A 395 13.54 -41.94 9.41
CA GLY A 395 12.25 -41.76 8.82
C GLY A 395 11.65 -40.42 9.18
N TRP A 396 12.48 -39.46 9.54
CA TRP A 396 12.00 -38.11 9.75
C TRP A 396 13.11 -37.11 9.45
N THR A 397 12.72 -35.96 8.93
CA THR A 397 13.61 -34.83 8.73
C THR A 397 13.10 -33.63 9.51
N HIS A 398 14.03 -32.75 9.90
CA HIS A 398 13.79 -31.78 10.96
C HIS A 398 14.53 -30.48 10.74
N PRO A 399 13.86 -29.48 10.23
CA PRO A 399 14.45 -28.14 10.13
C PRO A 399 14.31 -27.41 11.46
N ILE A 400 15.44 -27.20 12.13
CA ILE A 400 15.46 -26.75 13.51
C ILE A 400 15.69 -25.24 13.54
N HIS A 401 14.78 -24.52 14.17
CA HIS A 401 14.84 -23.06 14.29
C HIS A 401 15.09 -22.65 15.74
N ILE A 402 15.90 -21.61 15.93
CA ILE A 402 16.19 -21.08 17.25
C ILE A 402 15.88 -19.59 17.27
N HIS A 403 15.12 -19.15 18.27
CA HIS A 403 14.62 -17.78 18.30
C HIS A 403 15.67 -16.83 18.85
N LEU A 404 15.49 -15.54 18.54
CA LEU A 404 16.38 -14.44 18.95
C LEU A 404 17.67 -14.41 18.15
N VAL A 405 18.19 -15.55 17.75
CA VAL A 405 19.59 -15.71 17.43
C VAL A 405 19.79 -15.79 15.92
N ASP A 406 21.02 -15.51 15.49
CA ASP A 406 21.52 -15.87 14.17
C ASP A 406 22.76 -16.73 14.36
N PHE A 407 22.81 -17.91 13.75
CA PHE A 407 23.92 -18.81 14.02
C PHE A 407 24.71 -19.15 12.76
N LYS A 408 25.92 -19.64 12.95
CA LYS A 408 26.76 -20.11 11.85
C LYS A 408 26.82 -21.64 11.87
N VAL A 409 26.67 -22.24 10.70
CA VAL A 409 26.72 -23.69 10.56
C VAL A 409 28.16 -24.16 10.61
N ILE A 410 28.50 -24.93 11.63
CA ILE A 410 29.86 -25.40 11.75
C ILE A 410 30.07 -26.71 10.99
N SER A 411 29.05 -27.58 10.96
CA SER A 411 29.29 -28.97 10.57
C SER A 411 27.98 -29.68 10.33
N ARG A 412 28.01 -30.62 9.38
CA ARG A 412 26.96 -31.60 9.23
C ARG A 412 27.54 -32.95 8.89
N THR A 413 27.12 -33.97 9.61
CA THR A 413 27.51 -35.35 9.32
C THR A 413 26.25 -36.18 9.08
N SER A 414 26.21 -36.88 7.94
CA SER A 414 25.04 -37.63 7.50
C SER A 414 25.30 -39.12 7.61
N GLY A 415 24.54 -39.79 8.46
CA GLY A 415 24.56 -41.23 8.54
C GLY A 415 24.45 -41.96 7.21
N ASN A 416 23.75 -41.37 6.25
CA ASN A 416 23.59 -41.92 4.91
C ASN A 416 24.66 -41.47 3.94
N ASN A 417 25.76 -40.89 4.43
CA ASN A 417 26.77 -40.28 3.56
C ASN A 417 26.15 -39.33 2.55
N ALA A 418 25.07 -38.64 2.92
CA ALA A 418 24.35 -37.89 1.90
C ALA A 418 25.00 -36.54 1.59
N ARG A 419 25.59 -35.86 2.58
CA ARG A 419 26.11 -34.52 2.33
C ARG A 419 26.92 -34.05 3.52
N THR A 420 27.66 -32.97 3.30
CA THR A 420 28.32 -32.23 4.35
C THR A 420 27.77 -30.81 4.36
N VAL A 421 28.55 -29.81 4.74
CA VAL A 421 28.02 -28.44 4.80
C VAL A 421 27.94 -27.89 3.39
N MET A 422 26.87 -27.23 3.11
CA MET A 422 26.56 -26.75 1.77
C MET A 422 27.09 -25.33 1.60
N PRO A 423 27.36 -24.91 0.36
CA PRO A 423 28.10 -23.64 0.19
C PRO A 423 27.31 -22.41 0.53
N TYR A 424 25.98 -22.48 0.57
CA TYR A 424 25.17 -21.34 0.96
C TYR A 424 24.90 -21.29 2.45
N GLU A 425 25.34 -22.31 3.19
CA GLU A 425 25.32 -22.28 4.64
C GLU A 425 26.60 -21.69 5.23
N SER A 426 27.29 -20.86 4.48
CA SER A 426 28.54 -20.29 4.97
C SER A 426 28.32 -18.99 5.72
N GLY A 427 27.20 -18.31 5.48
CA GLY A 427 26.87 -17.08 6.19
C GLY A 427 26.12 -17.31 7.49
N LEU A 428 25.04 -16.57 7.72
CA LEU A 428 24.30 -16.62 8.96
C LEU A 428 22.85 -17.01 8.69
N LYS A 429 22.26 -17.79 9.61
CA LYS A 429 20.93 -18.33 9.44
C LYS A 429 20.26 -18.43 10.79
N ASP A 430 18.96 -18.75 10.78
CA ASP A 430 18.28 -19.11 12.02
C ASP A 430 17.52 -20.44 11.93
N VAL A 431 17.62 -21.15 10.80
CA VAL A 431 16.99 -22.45 10.57
C VAL A 431 17.98 -23.34 9.85
N VAL A 432 18.18 -24.57 10.34
CA VAL A 432 19.00 -25.56 9.65
C VAL A 432 18.23 -26.86 9.47
N TRP A 433 18.36 -27.45 8.30
CA TRP A 433 17.74 -28.73 7.99
C TRP A 433 18.62 -29.87 8.50
N LEU A 434 18.09 -30.67 9.41
CA LEU A 434 18.65 -31.98 9.72
C LEU A 434 17.98 -32.98 8.80
N GLY A 435 18.69 -33.41 7.77
CA GLY A 435 18.16 -34.41 6.89
C GLY A 435 18.17 -35.75 7.59
N ARG A 436 17.82 -36.78 6.81
CA ARG A 436 17.87 -38.13 7.34
C ARG A 436 19.25 -38.42 7.91
N ARG A 437 19.27 -38.89 9.14
CA ARG A 437 20.50 -39.27 9.83
CA ARG A 437 20.49 -39.26 9.81
C ARG A 437 21.55 -38.17 9.73
N GLU A 438 21.16 -36.96 10.07
CA GLU A 438 22.11 -35.86 10.05
C GLU A 438 22.28 -35.31 11.44
N THR A 439 23.49 -34.90 11.74
CA THR A 439 23.82 -34.19 12.95
C THR A 439 24.48 -32.89 12.54
N VAL A 440 24.01 -31.77 13.08
CA VAL A 440 24.58 -30.47 12.77
C VAL A 440 24.99 -29.81 14.07
N VAL A 441 26.10 -29.09 14.03
CA VAL A 441 26.46 -28.18 15.11
C VAL A 441 26.48 -26.77 14.56
N VAL A 442 25.93 -25.85 15.32
CA VAL A 442 25.91 -24.44 14.96
C VAL A 442 26.49 -23.63 16.10
N GLU A 443 26.99 -22.46 15.77
CA GLU A 443 27.60 -21.55 16.73
C GLU A 443 26.86 -20.23 16.66
N ALA A 444 26.48 -19.70 17.82
CA ALA A 444 25.79 -18.42 17.85
C ALA A 444 26.06 -17.71 19.18
N HIS A 445 26.17 -16.38 19.08
CA HIS A 445 26.35 -15.52 20.24
C HIS A 445 25.00 -15.21 20.83
N TYR A 446 24.81 -15.52 22.12
CA TYR A 446 23.51 -15.35 22.75
C TYR A 446 23.41 -13.93 23.30
N ALA A 447 22.87 -13.05 22.48
CA ALA A 447 22.96 -11.61 22.66
C ALA A 447 21.99 -10.95 21.70
N PRO A 448 21.49 -9.77 22.02
CA PRO A 448 21.77 -8.96 23.21
C PRO A 448 20.67 -8.88 24.25
N PHE A 449 19.63 -9.69 24.21
CA PHE A 449 18.48 -9.44 25.05
C PHE A 449 18.19 -10.62 25.94
N PRO A 450 18.00 -10.41 27.24
CA PRO A 450 17.53 -11.49 28.10
C PRO A 450 16.07 -11.80 27.82
N GLY A 451 15.68 -13.00 28.19
CA GLY A 451 14.31 -13.41 27.94
C GLY A 451 14.24 -14.90 27.71
N VAL A 452 13.00 -15.39 27.74
CA VAL A 452 12.69 -16.80 27.60
C VAL A 452 12.22 -17.03 26.17
N TYR A 453 13.00 -17.79 25.41
CA TYR A 453 12.76 -17.94 23.98
C TYR A 453 12.57 -19.40 23.61
N MET A 454 11.99 -19.60 22.44
CA MET A 454 11.68 -20.93 21.90
C MET A 454 12.77 -21.42 20.96
N PHE A 455 12.88 -22.73 20.86
CA PHE A 455 13.47 -23.35 19.70
C PHE A 455 12.72 -24.66 19.47
N HIS A 456 12.76 -25.15 18.22
CA HIS A 456 11.83 -26.19 17.81
C HIS A 456 12.18 -26.61 16.39
N CYS A 457 11.58 -27.72 15.96
CA CYS A 457 11.58 -28.08 14.55
C CYS A 457 10.50 -27.29 13.84
N HIS A 458 10.81 -26.77 12.66
CA HIS A 458 9.84 -26.01 11.90
C HIS A 458 9.04 -26.88 10.95
N ASN A 459 8.90 -28.17 11.24
CA ASN A 459 7.83 -28.95 10.62
C ASN A 459 6.63 -28.77 11.54
N LEU A 460 5.63 -28.07 11.05
CA LEU A 460 4.54 -27.60 11.90
C LEU A 460 3.72 -28.74 12.46
N ILE A 461 3.71 -29.88 11.82
CA ILE A 461 3.09 -31.05 12.41
C ILE A 461 3.92 -31.53 13.59
N HIS A 462 5.24 -31.50 13.44
CA HIS A 462 6.13 -31.88 14.54
C HIS A 462 6.09 -30.86 15.66
N GLU A 463 6.26 -29.59 15.30
CA GLU A 463 6.20 -28.51 16.27
C GLU A 463 4.94 -28.57 17.10
N ASP A 464 3.80 -28.81 16.47
CA ASP A 464 2.55 -28.81 17.19
C ASP A 464 2.37 -30.00 18.13
N HIS A 465 3.14 -31.09 17.97
CA HIS A 465 2.92 -32.31 18.75
C HIS A 465 4.20 -33.13 18.84
N ASP A 466 5.20 -32.63 19.56
CA ASP A 466 5.25 -31.47 20.45
C ASP A 466 6.66 -31.01 20.50
N MET A 467 7.29 -30.90 19.33
CA MET A 467 8.74 -30.83 19.22
C MET A 467 9.19 -29.39 19.33
N MET A 468 9.14 -28.87 20.56
CA MET A 468 9.39 -27.46 20.80
C MET A 468 9.86 -27.30 22.24
N ALA A 469 10.85 -26.45 22.47
CA ALA A 469 11.35 -26.26 23.82
C ALA A 469 11.70 -24.79 24.04
N ALA A 470 12.43 -24.52 25.12
CA ALA A 470 12.74 -23.16 25.54
C ALA A 470 14.13 -23.10 26.15
N PHE A 471 14.79 -21.97 25.92
CA PHE A 471 16.01 -21.59 26.62
C PHE A 471 15.82 -20.23 27.27
N ASN A 472 16.53 -19.99 28.36
CA ASN A 472 16.46 -18.73 29.07
C ASN A 472 17.79 -18.02 28.95
N ALA A 473 17.77 -16.84 28.33
CA ALA A 473 18.91 -15.93 28.30
C ALA A 473 18.97 -15.22 29.65
N THR A 474 20.00 -15.50 30.42
CA THR A 474 20.09 -15.07 31.80
C THR A 474 21.00 -13.85 31.96
N VAL A 475 20.65 -12.98 32.91
CA VAL A 475 21.56 -11.95 33.37
C VAL A 475 21.57 -11.97 34.90
N LEU A 476 22.55 -11.25 35.44
CA LEU A 476 22.62 -11.03 36.86
C LEU A 476 21.66 -9.92 37.24
N PRO A 477 21.26 -9.82 38.52
CA PRO A 477 20.24 -8.83 38.87
C PRO A 477 20.71 -7.40 38.61
N ASP A 478 22.01 -7.17 38.61
CA ASP A 478 22.57 -5.85 38.39
C ASP A 478 22.56 -5.43 36.93
N TYR A 479 22.04 -6.26 36.03
CA TYR A 479 22.13 -5.97 34.60
C TYR A 479 21.45 -4.65 34.27
N GLY A 480 20.15 -4.58 34.47
CA GLY A 480 19.40 -3.38 34.14
C GLY A 480 18.64 -3.45 32.84
N TYR A 481 18.64 -2.36 32.10
CA TYR A 481 17.89 -2.23 30.85
C TYR A 481 16.43 -2.66 31.02
N ASN A 482 15.90 -2.55 32.24
CA ASN A 482 14.51 -2.90 32.55
C ASN A 482 14.24 -4.39 32.33
N ALA A 483 15.28 -5.19 32.20
CA ALA A 483 15.12 -6.59 31.81
C ALA A 483 14.08 -7.30 32.65
N THR A 484 13.85 -6.83 33.87
CA THR A 484 12.91 -7.47 34.79
C THR A 484 11.49 -7.53 34.20
N VAL A 485 11.19 -6.73 33.19
CA VAL A 485 9.84 -6.66 32.64
C VAL A 485 9.78 -7.18 31.22
N PHE A 486 10.87 -7.71 30.70
CA PHE A 486 10.91 -8.21 29.34
C PHE A 486 11.35 -9.67 29.26
N VAL A 487 11.62 -10.31 30.39
CA VAL A 487 12.08 -11.70 30.42
C VAL A 487 10.94 -12.71 30.42
N ASP A 488 9.78 -12.35 30.97
CA ASP A 488 8.64 -13.25 30.99
C ASP A 488 7.78 -12.95 29.77
N PRO A 489 7.71 -13.84 28.78
CA PRO A 489 6.85 -13.56 27.62
C PRO A 489 5.40 -13.40 28.00
N MET A 490 5.00 -13.94 29.13
CA MET A 490 3.61 -13.82 29.55
C MET A 490 3.40 -12.60 30.43
N GLU A 491 4.38 -11.71 30.49
CA GLU A 491 4.27 -10.52 31.32
C GLU A 491 2.92 -9.86 31.16
N GLU A 492 2.17 -9.80 32.25
CA GLU A 492 0.80 -9.33 32.21
C GLU A 492 0.66 -7.95 31.62
N LEU A 493 1.76 -7.23 31.48
CA LEU A 493 1.73 -5.87 30.97
C LEU A 493 1.68 -5.82 29.45
N TRP A 494 2.18 -6.84 28.76
CA TRP A 494 2.18 -6.86 27.32
C TRP A 494 1.15 -7.81 26.75
N GLN A 495 0.11 -8.12 27.52
CA GLN A 495 -0.81 -9.17 27.12
C GLN A 495 -1.86 -8.62 26.19
N ALA A 496 -2.64 -9.51 25.62
CA ALA A 496 -3.71 -9.10 24.72
C ALA A 496 -4.78 -8.36 25.48
N ARG A 497 -5.55 -7.57 24.75
CA ARG A 497 -6.60 -6.75 25.32
C ARG A 497 -7.88 -6.94 24.51
N PRO A 498 -9.01 -7.19 25.16
CA PRO A 498 -10.27 -7.19 24.42
C PRO A 498 -10.57 -5.82 23.85
N TYR A 499 -11.42 -5.82 22.83
CA TYR A 499 -11.82 -4.60 22.17
C TYR A 499 -13.25 -4.78 21.70
N GLU A 500 -14.05 -3.74 21.86
CA GLU A 500 -15.37 -3.71 21.26
C GLU A 500 -15.22 -3.59 19.74
N LEU A 501 -15.78 -4.55 19.01
CA LEU A 501 -15.31 -4.85 17.66
C LEU A 501 -15.55 -3.70 16.68
N GLY A 502 -16.67 -2.98 16.84
CA GLY A 502 -17.01 -1.88 15.94
C GLY A 502 -16.24 -0.60 16.20
N GLU A 503 -15.69 -0.47 17.41
CA GLU A 503 -14.74 0.59 17.71
C GLU A 503 -13.46 0.48 16.90
N PHE A 504 -13.25 -0.65 16.21
CA PHE A 504 -12.04 -0.82 15.40
C PHE A 504 -12.17 -0.15 14.04
N GLN A 505 -13.33 -0.19 13.44
CA GLN A 505 -13.52 0.45 12.15
C GLN A 505 -13.88 1.93 12.29
N ALA A 506 -14.26 2.36 13.48
CA ALA A 506 -14.58 3.74 13.67
C ALA A 506 -13.43 4.51 14.25
N GLN A 507 -12.39 3.80 14.57
CA GLN A 507 -11.21 4.38 15.10
C GLN A 507 -11.48 5.01 16.44
N SER A 508 -12.58 4.64 17.06
CA SER A 508 -12.88 5.09 18.39
C SER A 508 -12.05 4.41 19.45
N GLY A 509 -12.40 4.63 20.70
CA GLY A 509 -11.80 3.96 21.81
C GLY A 509 -10.33 3.81 21.74
N GLN A 510 -9.84 2.61 21.92
CA GLN A 510 -8.43 2.34 21.94
C GLN A 510 -7.72 2.62 20.64
N PHE A 511 -8.47 2.88 19.60
CA PHE A 511 -7.92 3.10 18.31
C PHE A 511 -7.93 4.55 17.86
N SER A 512 -8.40 5.43 18.71
CA SER A 512 -8.28 6.84 18.51
C SER A 512 -6.86 7.19 18.50
N VAL A 513 -6.47 8.12 17.66
CA VAL A 513 -5.06 8.42 17.44
C VAL A 513 -4.36 8.74 18.75
N GLN A 514 -5.09 9.28 19.73
CA GLN A 514 -4.42 9.66 20.98
C GLN A 514 -4.19 8.45 21.87
N ALA A 515 -5.22 7.61 22.03
CA ALA A 515 -5.01 6.33 22.71
C ALA A 515 -3.91 5.52 22.02
N VAL A 516 -4.00 5.42 20.69
CA VAL A 516 -2.90 4.87 19.91
C VAL A 516 -1.59 5.53 20.28
N THR A 517 -1.60 6.85 20.43
CA THR A 517 -0.34 7.56 20.62
C THR A 517 0.15 7.47 22.06
N GLU A 518 -0.74 7.66 23.03
CA GLU A 518 -0.35 7.51 24.43
C GLU A 518 0.28 6.16 24.67
N ARG A 519 -0.37 5.12 24.16
CA ARG A 519 0.05 3.75 24.38
C ARG A 519 1.45 3.49 23.84
N ILE A 520 1.68 3.84 22.58
CA ILE A 520 3.00 3.61 22.00
C ILE A 520 4.07 4.41 22.74
N GLN A 521 3.77 5.67 23.06
CA GLN A 521 4.72 6.47 23.80
C GLN A 521 4.93 5.92 25.20
N THR A 522 3.85 5.47 25.84
CA THR A 522 4.00 4.67 27.05
C THR A 522 4.98 3.53 26.80
N MET A 523 4.68 2.73 25.77
CA MET A 523 5.53 1.58 25.46
C MET A 523 6.97 2.00 25.23
N ALA A 524 7.18 3.02 24.38
CA ALA A 524 8.53 3.39 24.00
C ALA A 524 9.38 3.73 25.21
N GLU A 525 8.76 4.32 26.24
CA GLU A 525 9.49 4.82 27.38
C GLU A 525 10.26 3.73 28.09
N TYR A 526 9.85 2.47 27.94
CA TYR A 526 10.54 1.38 28.61
C TYR A 526 11.90 1.06 28.02
N ARG A 527 12.24 1.63 26.87
CA ARG A 527 13.55 1.45 26.26
C ARG A 527 13.83 -0.02 26.03
N PRO A 528 12.95 -0.72 25.34
CA PRO A 528 13.03 -2.18 25.28
C PRO A 528 14.28 -2.66 24.56
N TYR A 529 14.48 -2.10 23.38
CA TYR A 529 15.57 -2.50 22.50
C TYR A 529 16.77 -1.60 22.64
N ALA A 530 16.95 -1.01 23.83
CA ALA A 530 18.05 -0.08 24.04
C ALA A 530 19.36 -0.78 24.26
N ALA A 531 19.35 -2.05 24.67
CA ALA A 531 20.59 -2.77 24.88
C ALA A 531 21.34 -3.02 23.59
N ALA A 532 20.64 -3.01 22.46
CA ALA A 532 21.30 -3.01 21.16
C ALA A 532 21.71 -1.63 20.72
N ASP A 533 21.38 -0.61 21.51
CA ASP A 533 21.54 0.79 21.17
C ASP A 533 20.79 1.12 19.88
N VAL B 1 -20.73 34.38 12.56
CA VAL B 1 -21.94 33.61 12.79
C VAL B 1 -21.60 32.39 13.62
N ALA B 2 -22.39 32.14 14.65
CA ALA B 2 -22.08 31.09 15.61
C ALA B 2 -21.93 29.74 14.92
N GLN B 3 -21.03 28.92 15.45
CA GLN B 3 -20.88 27.58 14.93
C GLN B 3 -22.11 26.76 15.25
N ILE B 4 -22.64 26.07 14.26
CA ILE B 4 -23.78 25.20 14.50
C ILE B 4 -23.32 23.85 15.05
N SER B 5 -22.28 23.29 14.45
CA SER B 5 -21.78 21.99 14.87
C SER B 5 -21.22 22.05 16.30
N PRO B 6 -21.35 20.95 17.07
CA PRO B 6 -20.83 20.93 18.44
C PRO B 6 -19.40 21.41 18.56
N GLN B 7 -19.00 21.82 19.75
CA GLN B 7 -17.69 22.42 19.89
C GLN B 7 -16.62 21.36 19.74
N TYR B 8 -15.53 21.71 19.10
CA TYR B 8 -14.57 20.67 18.86
C TYR B 8 -13.28 20.96 19.60
N PRO B 9 -12.59 19.94 20.10
CA PRO B 9 -11.27 20.12 20.69
C PRO B 9 -10.21 20.17 19.59
N MET B 10 -9.70 21.36 19.32
CA MET B 10 -9.08 21.65 18.05
C MET B 10 -7.56 21.51 18.10
N PHE B 11 -6.98 21.17 16.94
CA PHE B 11 -5.53 21.08 16.81
C PHE B 11 -4.96 20.04 17.77
N THR B 12 -5.80 19.11 18.19
CA THR B 12 -5.43 18.08 19.14
C THR B 12 -5.13 16.72 18.50
N VAL B 13 -5.38 16.56 17.20
CA VAL B 13 -5.14 15.30 16.51
C VAL B 13 -4.18 15.52 15.34
N PRO B 14 -3.20 14.64 15.12
CA PRO B 14 -2.24 14.87 14.05
C PRO B 14 -2.86 14.63 12.69
N LEU B 15 -2.27 15.26 11.70
CA LEU B 15 -2.79 15.21 10.34
C LEU B 15 -2.72 13.80 9.78
N PRO B 16 -3.84 13.18 9.41
CA PRO B 16 -3.79 11.86 8.78
C PRO B 16 -3.26 11.96 7.37
N ILE B 17 -2.74 10.84 6.88
CA ILE B 17 -2.24 10.73 5.52
C ILE B 17 -2.97 9.57 4.87
N PRO B 18 -3.67 9.76 3.76
CA PRO B 18 -4.24 8.62 3.05
C PRO B 18 -3.14 7.72 2.54
N PRO B 19 -3.26 6.41 2.75
CA PRO B 19 -2.23 5.50 2.28
C PRO B 19 -2.27 5.36 0.77
N VAL B 20 -1.12 4.99 0.21
CA VAL B 20 -1.04 4.74 -1.22
C VAL B 20 -1.92 3.57 -1.61
N LYS B 21 -2.40 3.58 -2.84
CA LYS B 21 -3.24 2.52 -3.37
C LYS B 21 -2.37 1.51 -4.11
N GLN B 22 -2.72 0.24 -3.98
CA GLN B 22 -1.88 -0.79 -4.55
C GLN B 22 -2.68 -1.56 -5.59
N PRO B 23 -2.14 -1.74 -6.79
CA PRO B 23 -2.86 -2.54 -7.80
C PRO B 23 -3.04 -3.98 -7.34
N ARG B 24 -4.00 -4.65 -7.97
CA ARG B 24 -4.22 -6.06 -7.70
C ARG B 24 -3.18 -6.91 -8.41
N LEU B 25 -2.96 -6.63 -9.69
CA LEU B 25 -2.02 -7.36 -10.51
C LEU B 25 -1.48 -6.41 -11.56
N THR B 26 -0.85 -6.95 -12.59
CA THR B 26 -0.55 -6.17 -13.79
C THR B 26 -0.83 -7.05 -14.99
N VAL B 27 -1.03 -6.43 -16.15
CA VAL B 27 -1.47 -7.15 -17.34
C VAL B 27 -0.75 -6.60 -18.56
N THR B 28 -0.23 -7.51 -19.39
CA THR B 28 0.59 -7.14 -20.55
C THR B 28 -0.27 -6.68 -21.70
N ASN B 29 0.16 -5.63 -22.39
CA ASN B 29 -0.66 -4.99 -23.40
C ASN B 29 -0.37 -5.60 -24.77
N PRO B 30 -1.37 -6.11 -25.48
CA PRO B 30 -1.09 -6.81 -26.74
C PRO B 30 -0.58 -5.92 -27.83
N VAL B 31 -0.73 -4.61 -27.71
CA VAL B 31 -0.34 -3.70 -28.79
C VAL B 31 1.11 -3.28 -28.66
N ASN B 32 1.61 -3.14 -27.45
CA ASN B 32 2.97 -2.65 -27.24
C ASN B 32 3.72 -3.47 -26.22
N GLY B 33 3.17 -4.60 -25.79
CA GLY B 33 3.88 -5.49 -24.89
C GLY B 33 4.23 -4.91 -23.54
N GLN B 34 3.60 -3.80 -23.17
CA GLN B 34 3.85 -3.18 -21.87
C GLN B 34 2.77 -3.56 -20.88
N GLU B 35 3.12 -3.45 -19.60
CA GLU B 35 2.24 -3.85 -18.54
C GLU B 35 1.27 -2.73 -18.17
N ILE B 36 0.27 -3.10 -17.39
CA ILE B 36 -0.84 -2.22 -17.08
C ILE B 36 -1.27 -2.52 -15.66
N TRP B 37 -1.20 -1.52 -14.79
CA TRP B 37 -1.56 -1.75 -13.40
C TRP B 37 -3.06 -1.75 -13.26
N TYR B 38 -3.57 -2.73 -12.54
CA TYR B 38 -5.00 -2.96 -12.42
C TYR B 38 -5.39 -2.79 -10.97
N TYR B 39 -6.40 -1.97 -10.71
CA TYR B 39 -6.81 -1.70 -9.35
C TYR B 39 -8.23 -2.20 -9.12
N GLU B 40 -8.53 -2.48 -7.86
CA GLU B 40 -9.90 -2.74 -7.45
C GLU B 40 -10.20 -1.86 -6.25
N VAL B 41 -11.25 -1.04 -6.36
CA VAL B 41 -11.72 -0.18 -5.28
C VAL B 41 -13.15 -0.55 -4.95
N GLU B 42 -13.39 -0.92 -3.70
CA GLU B 42 -14.76 -1.14 -3.27
C GLU B 42 -15.33 0.17 -2.71
N ILE B 43 -16.62 0.38 -2.95
CA ILE B 43 -17.33 1.56 -2.48
C ILE B 43 -18.32 1.08 -1.43
N LYS B 44 -18.05 1.42 -0.18
CA LYS B 44 -18.83 0.83 0.90
C LYS B 44 -19.12 1.86 1.97
N PRO B 45 -20.28 1.79 2.61
CA PRO B 45 -20.50 2.56 3.82
C PRO B 45 -19.50 2.14 4.88
N PHE B 46 -19.01 3.13 5.64
CA PHE B 46 -18.18 2.82 6.79
C PHE B 46 -18.39 3.89 7.83
N THR B 47 -18.32 3.48 9.09
CA THR B 47 -18.54 4.36 10.22
C THR B 47 -17.21 4.90 10.71
N HIS B 48 -17.22 6.15 11.18
CA HIS B 48 -15.99 6.81 11.54
C HIS B 48 -16.27 7.81 12.67
N GLN B 49 -15.28 8.01 13.54
CA GLN B 49 -15.43 8.81 14.74
C GLN B 49 -14.73 10.14 14.56
N VAL B 50 -15.50 11.23 14.62
CA VAL B 50 -15.00 12.57 14.39
C VAL B 50 -14.80 13.31 15.70
N TYR B 51 -15.86 13.38 16.52
CA TYR B 51 -15.80 14.08 17.80
C TYR B 51 -15.42 13.07 18.86
N PRO B 52 -14.22 13.15 19.41
CA PRO B 52 -13.67 12.05 20.21
C PRO B 52 -14.73 11.39 21.08
N ASP B 53 -15.72 12.15 21.53
CA ASP B 53 -16.59 11.77 22.62
C ASP B 53 -17.96 11.32 22.15
N LEU B 54 -18.41 11.77 21.00
CA LEU B 54 -19.81 11.64 20.64
C LEU B 54 -20.01 10.40 19.79
N GLY B 55 -21.23 10.23 19.27
CA GLY B 55 -21.52 9.19 18.30
C GLY B 55 -20.65 9.25 17.05
N SER B 56 -20.90 8.38 16.10
CA SER B 56 -20.02 8.26 14.95
C SER B 56 -20.70 8.78 13.70
N ALA B 57 -19.88 9.14 12.71
CA ALA B 57 -20.39 9.67 11.46
C ALA B 57 -20.60 8.56 10.44
N ASP B 58 -21.68 8.69 9.67
CA ASP B 58 -22.02 7.75 8.62
C ASP B 58 -21.40 8.23 7.33
N LEU B 59 -20.42 7.51 6.84
CA LEU B 59 -19.77 7.84 5.58
C LEU B 59 -19.97 6.70 4.58
N VAL B 60 -19.47 6.93 3.37
CA VAL B 60 -19.63 6.06 2.22
C VAL B 60 -18.44 6.39 1.33
N GLY B 61 -17.43 5.54 1.30
CA GLY B 61 -16.15 5.94 0.76
C GLY B 61 -15.48 4.88 -0.09
N TYR B 62 -14.49 5.35 -0.84
CA TYR B 62 -13.65 4.51 -1.68
C TYR B 62 -12.81 3.61 -0.80
N ASP B 63 -13.09 2.31 -0.83
CA ASP B 63 -12.43 1.34 0.03
C ASP B 63 -12.67 1.63 1.50
N GLY B 64 -13.82 2.22 1.80
CA GLY B 64 -14.18 2.44 3.18
C GLY B 64 -13.31 3.43 3.90
N MET B 65 -12.76 4.42 3.18
CA MET B 65 -11.99 5.48 3.81
C MET B 65 -12.21 6.80 3.09
N SER B 66 -12.54 7.83 3.85
CA SER B 66 -12.56 9.17 3.33
C SER B 66 -11.49 10.00 4.01
N PRO B 67 -10.60 10.63 3.25
CA PRO B 67 -10.47 10.59 1.79
C PRO B 67 -10.08 9.20 1.28
N GLY B 68 -10.34 8.87 0.01
CA GLY B 68 -9.97 7.58 -0.50
C GLY B 68 -8.46 7.43 -0.62
N PRO B 69 -8.03 6.24 -1.04
CA PRO B 69 -6.60 5.95 -1.13
C PRO B 69 -5.93 6.71 -2.25
N THR B 70 -4.65 7.01 -2.05
CA THR B 70 -3.90 7.83 -2.97
C THR B 70 -3.24 6.98 -4.04
N PHE B 71 -3.17 7.49 -5.26
CA PHE B 71 -2.57 6.83 -6.40
C PHE B 71 -1.27 7.50 -6.81
N GLN B 72 -0.24 6.69 -7.00
CA GLN B 72 0.99 7.17 -7.64
C GLN B 72 1.21 6.35 -8.91
N VAL B 73 0.97 6.97 -10.05
CA VAL B 73 1.11 6.29 -11.33
C VAL B 73 2.16 7.04 -12.14
N PRO B 74 3.32 6.45 -12.39
CA PRO B 74 4.30 7.11 -13.23
C PRO B 74 3.71 7.36 -14.60
N ARG B 75 4.21 8.42 -15.21
CA ARG B 75 3.81 8.77 -16.56
C ARG B 75 4.07 7.60 -17.51
N GLY B 76 3.36 7.57 -18.61
CA GLY B 76 3.54 6.46 -19.52
C GLY B 76 2.72 5.23 -19.20
N VAL B 77 2.85 4.70 -17.99
CA VAL B 77 2.19 3.43 -17.67
C VAL B 77 0.68 3.64 -17.62
N GLU B 78 -0.03 2.93 -18.49
CA GLU B 78 -1.47 2.96 -18.42
C GLU B 78 -1.94 2.28 -17.15
N THR B 79 -3.21 2.49 -16.82
CA THR B 79 -3.76 1.99 -15.60
C THR B 79 -5.22 1.70 -15.86
N VAL B 80 -5.77 0.72 -15.16
CA VAL B 80 -7.18 0.43 -15.23
C VAL B 80 -7.69 0.34 -13.82
N VAL B 81 -8.88 0.88 -13.56
CA VAL B 81 -9.46 0.77 -12.23
C VAL B 81 -10.84 0.18 -12.32
N ARG B 82 -11.08 -0.85 -11.51
CA ARG B 82 -12.41 -1.41 -11.34
C ARG B 82 -12.98 -0.87 -10.05
N PHE B 83 -14.09 -0.14 -10.15
CA PHE B 83 -14.79 0.42 -9.00
C PHE B 83 -16.01 -0.42 -8.73
N ILE B 84 -16.11 -0.96 -7.52
CA ILE B 84 -17.14 -1.92 -7.19
C ILE B 84 -18.11 -1.26 -6.23
N ASN B 85 -19.31 -0.96 -6.73
CA ASN B 85 -20.32 -0.30 -5.92
C ASN B 85 -20.96 -1.33 -5.01
N ASN B 86 -20.44 -1.44 -3.79
CA ASN B 86 -21.13 -2.12 -2.71
C ASN B 86 -21.78 -1.13 -1.74
N ALA B 87 -22.30 -0.03 -2.25
CA ALA B 87 -22.89 1.01 -1.44
C ALA B 87 -24.40 0.97 -1.62
N GLU B 88 -25.06 2.12 -1.39
CA GLU B 88 -26.50 2.18 -1.36
C GLU B 88 -27.08 3.14 -2.39
N ALA B 89 -26.25 3.89 -3.11
CA ALA B 89 -26.70 4.79 -4.14
C ALA B 89 -25.73 4.70 -5.30
N PRO B 90 -26.19 5.00 -6.52
CA PRO B 90 -25.33 4.85 -7.70
C PRO B 90 -24.11 5.74 -7.65
N ASN B 91 -23.18 5.49 -8.56
CA ASN B 91 -21.96 6.28 -8.61
C ASN B 91 -21.49 6.40 -10.06
N SER B 92 -20.64 7.40 -10.30
CA SER B 92 -19.98 7.58 -11.58
C SER B 92 -18.68 8.32 -11.30
N VAL B 93 -17.56 7.68 -11.61
CA VAL B 93 -16.26 8.13 -11.13
C VAL B 93 -15.59 9.03 -12.17
N HIS B 94 -15.12 10.20 -11.72
CA HIS B 94 -14.40 11.13 -12.57
C HIS B 94 -12.98 11.26 -12.07
N LEU B 95 -12.01 11.18 -12.99
CA LEU B 95 -10.60 11.33 -12.66
C LEU B 95 -10.23 12.76 -13.06
N HIS B 96 -10.34 13.65 -12.08
CA HIS B 96 -10.28 15.07 -12.36
C HIS B 96 -8.91 15.46 -12.84
N GLY B 97 -8.79 15.84 -14.09
CA GLY B 97 -7.51 16.25 -14.64
C GLY B 97 -6.90 15.31 -15.66
N SER B 98 -7.63 14.28 -16.08
CA SER B 98 -7.15 13.29 -17.05
C SER B 98 -7.87 13.50 -18.36
N PHE B 99 -7.13 13.60 -19.46
CA PHE B 99 -7.76 13.63 -20.77
C PHE B 99 -8.17 12.22 -21.20
N SER B 100 -9.01 11.61 -20.38
CA SER B 100 -9.50 10.27 -20.65
C SER B 100 -10.41 10.29 -21.86
N ARG B 101 -10.87 9.10 -22.25
CA ARG B 101 -11.91 9.02 -23.26
C ARG B 101 -13.27 9.29 -22.61
N ALA B 102 -14.25 9.60 -23.44
CA ALA B 102 -15.54 10.07 -22.92
C ALA B 102 -16.16 9.05 -21.98
N ALA B 103 -16.14 7.76 -22.35
CA ALA B 103 -16.74 6.71 -21.55
C ALA B 103 -15.93 6.33 -20.33
N PHE B 104 -14.73 6.87 -20.19
CA PHE B 104 -13.94 6.72 -18.97
C PHE B 104 -13.79 8.03 -18.21
N ASP B 105 -14.50 9.07 -18.60
CA ASP B 105 -14.33 10.37 -17.98
C ASP B 105 -15.35 10.65 -16.89
N GLY B 106 -16.29 9.76 -16.66
CA GLY B 106 -17.22 9.97 -15.58
C GLY B 106 -18.42 10.81 -15.94
N TRP B 107 -18.84 10.76 -17.20
CA TRP B 107 -20.09 11.38 -17.62
C TRP B 107 -21.17 11.16 -16.57
N ALA B 108 -21.93 12.21 -16.27
CA ALA B 108 -22.78 12.19 -15.09
C ALA B 108 -23.88 11.14 -15.20
N GLU B 109 -24.26 10.74 -16.40
CA GLU B 109 -25.29 9.72 -16.50
C GLU B 109 -24.74 8.31 -16.72
N ASP B 110 -23.46 8.16 -17.08
CA ASP B 110 -22.87 6.83 -17.15
C ASP B 110 -22.68 6.24 -15.76
N ILE B 111 -23.70 5.54 -15.27
CA ILE B 111 -23.90 5.32 -13.84
C ILE B 111 -23.66 3.86 -13.45
N THR B 112 -23.16 3.66 -12.23
CA THR B 112 -22.96 2.33 -11.64
C THR B 112 -23.96 2.13 -10.51
N GLU B 113 -24.92 1.23 -10.70
CA GLU B 113 -25.85 0.91 -9.63
C GLU B 113 -25.19 0.05 -8.56
N PRO B 114 -25.72 0.01 -7.34
CA PRO B 114 -25.15 -0.87 -6.33
C PRO B 114 -25.34 -2.32 -6.76
N GLY B 115 -24.31 -3.13 -6.50
CA GLY B 115 -24.28 -4.48 -7.05
C GLY B 115 -23.69 -4.59 -8.43
N SER B 116 -23.08 -3.53 -8.95
CA SER B 116 -22.42 -3.55 -10.23
C SER B 116 -21.06 -2.89 -10.12
N PHE B 117 -20.25 -2.98 -11.18
CA PHE B 117 -18.95 -2.35 -11.24
C PHE B 117 -18.74 -1.82 -12.64
N LYS B 118 -17.70 -0.99 -12.79
CA LYS B 118 -17.31 -0.50 -14.10
C LYS B 118 -15.82 -0.23 -14.07
N ASP B 119 -15.15 -0.58 -15.15
CA ASP B 119 -13.71 -0.45 -15.23
C ASP B 119 -13.40 0.83 -15.95
N TYR B 120 -12.44 1.58 -15.41
CA TYR B 120 -11.98 2.82 -16.00
C TYR B 120 -10.55 2.64 -16.44
N TYR B 121 -10.22 3.20 -17.60
CA TYR B 121 -8.95 2.96 -18.26
C TYR B 121 -8.44 4.36 -18.42
N TYR B 122 -7.25 4.62 -17.88
CA TYR B 122 -6.72 5.96 -17.73
C TYR B 122 -5.42 6.05 -18.50
N PRO B 123 -5.20 7.16 -19.20
CA PRO B 123 -4.01 7.25 -20.04
C PRO B 123 -2.73 7.42 -19.27
N ASN B 124 -2.75 8.27 -18.23
CA ASN B 124 -1.57 8.52 -17.40
C ASN B 124 -0.40 9.04 -18.22
N ARG B 125 -0.68 9.80 -19.26
CA ARG B 125 0.35 10.29 -20.16
C ARG B 125 0.60 11.79 -20.07
N GLN B 126 -0.13 12.51 -19.23
CA GLN B 126 0.00 13.95 -19.23
C GLN B 126 1.18 14.39 -18.37
N SER B 127 1.48 15.68 -18.44
CA SER B 127 2.56 16.23 -17.64
C SER B 127 2.33 15.91 -16.17
N ALA B 128 3.43 15.59 -15.49
CA ALA B 128 3.44 15.38 -14.05
C ALA B 128 2.57 16.41 -13.36
N ARG B 129 1.69 15.95 -12.49
CA ARG B 129 0.67 16.84 -11.95
C ARG B 129 -0.03 16.07 -10.85
N THR B 130 -0.85 16.81 -10.12
CA THR B 130 -1.67 16.22 -9.07
C THR B 130 -3.10 16.14 -9.57
N LEU B 131 -3.72 14.98 -9.39
CA LEU B 131 -5.09 14.80 -9.81
C LEU B 131 -5.84 14.20 -8.65
N TRP B 132 -7.16 14.15 -8.80
CA TRP B 132 -7.96 13.54 -7.78
C TRP B 132 -9.16 12.94 -8.45
N TYR B 133 -9.68 11.90 -7.85
CA TYR B 133 -10.82 11.19 -8.39
C TYR B 133 -11.96 11.36 -7.41
N HIS B 134 -13.15 11.62 -7.94
CA HIS B 134 -14.33 11.88 -7.11
C HIS B 134 -15.58 11.41 -7.85
N ASP B 135 -16.68 11.30 -7.12
CA ASP B 135 -17.93 10.91 -7.76
C ASP B 135 -18.42 12.02 -8.68
N HIS B 136 -19.32 11.63 -9.59
CA HIS B 136 -19.80 12.57 -10.59
C HIS B 136 -21.24 12.27 -10.97
N ALA B 137 -21.93 11.41 -10.23
CA ALA B 137 -23.22 10.90 -10.63
C ALA B 137 -24.24 12.03 -10.71
N MET B 138 -25.00 12.04 -11.79
CA MET B 138 -25.92 13.14 -12.07
C MET B 138 -26.78 13.43 -10.87
N HIS B 139 -26.67 14.65 -10.36
CA HIS B 139 -27.52 15.25 -9.34
C HIS B 139 -27.26 14.79 -7.92
N ILE B 140 -26.32 13.88 -7.67
CA ILE B 140 -26.09 13.43 -6.29
C ILE B 140 -24.61 13.50 -6.04
N THR B 141 -23.92 14.22 -6.89
CA THR B 141 -22.47 14.35 -6.73
C THR B 141 -22.13 15.06 -5.43
N ALA B 142 -22.91 16.08 -5.06
CA ALA B 142 -22.62 16.84 -3.86
C ALA B 142 -22.60 15.94 -2.63
N GLU B 143 -23.62 15.10 -2.48
CA GLU B 143 -23.72 14.27 -1.29
C GLU B 143 -22.79 13.06 -1.33
N ASN B 144 -22.50 12.53 -2.53
CA ASN B 144 -21.59 11.39 -2.64
C ASN B 144 -20.18 11.78 -2.26
N ALA B 145 -19.75 12.97 -2.69
CA ALA B 145 -18.43 13.46 -2.33
C ALA B 145 -18.40 13.98 -0.90
N TYR B 146 -19.48 14.60 -0.44
CA TYR B 146 -19.55 15.01 0.96
C TYR B 146 -19.37 13.81 1.87
N ARG B 147 -20.19 12.77 1.70
CA ARG B 147 -20.13 11.57 2.54
C ARG B 147 -18.88 10.73 2.33
N GLY B 148 -18.03 11.04 1.34
CA GLY B 148 -16.75 10.33 1.32
C GLY B 148 -16.01 10.14 0.01
N GLN B 149 -16.71 10.12 -1.12
CA GLN B 149 -16.13 9.58 -2.35
C GLN B 149 -15.21 10.61 -2.99
N ALA B 150 -13.98 10.66 -2.50
CA ALA B 150 -12.96 11.48 -3.12
C ALA B 150 -11.59 11.04 -2.62
N GLY B 151 -10.56 11.28 -3.42
CA GLY B 151 -9.22 10.86 -3.05
C GLY B 151 -8.25 11.26 -4.14
N LEU B 152 -6.97 10.96 -3.92
CA LEU B 152 -5.83 11.55 -4.61
C LEU B 152 -5.37 10.69 -5.77
N TYR B 153 -4.50 11.26 -6.60
CA TYR B 153 -3.96 10.58 -7.75
C TYR B 153 -2.85 11.37 -8.35
N MET B 154 -1.63 10.96 -8.11
CA MET B 154 -0.48 11.68 -8.63
C MET B 154 0.10 11.11 -9.91
N LEU B 155 0.29 11.95 -10.91
CA LEU B 155 0.99 11.58 -12.14
C LEU B 155 2.43 12.04 -12.01
N THR B 156 3.34 11.11 -11.78
CA THR B 156 4.72 11.43 -11.45
C THR B 156 5.62 11.39 -12.67
N ASP B 157 6.81 11.93 -12.48
CA ASP B 157 7.83 11.96 -13.53
C ASP B 157 9.22 12.02 -12.91
N PRO B 158 10.00 10.93 -12.98
CA PRO B 158 11.40 11.00 -12.54
C PRO B 158 12.18 12.11 -13.22
N ALA B 159 11.92 12.35 -14.50
CA ALA B 159 12.56 13.47 -15.17
C ALA B 159 12.45 14.73 -14.33
N GLU B 160 11.24 15.09 -13.94
CA GLU B 160 11.05 16.23 -13.08
C GLU B 160 11.33 15.94 -11.61
N ASP B 161 11.41 14.66 -11.24
CA ASP B 161 11.92 14.35 -9.91
C ASP B 161 13.37 14.81 -9.76
N ALA B 162 14.04 15.13 -10.87
CA ALA B 162 15.41 15.62 -10.81
C ALA B 162 15.48 17.09 -10.43
N LEU B 163 14.56 17.53 -9.57
CA LEU B 163 14.57 18.89 -9.08
C LEU B 163 14.88 19.01 -7.60
N ASN B 164 14.80 17.90 -6.85
CA ASN B 164 15.11 17.88 -5.43
C ASN B 164 14.17 18.76 -4.62
N LEU B 165 12.92 18.87 -5.07
CA LEU B 165 11.91 19.44 -4.22
C LEU B 165 11.70 18.52 -3.02
N PRO B 166 11.30 19.06 -1.86
CA PRO B 166 11.05 18.22 -0.68
C PRO B 166 10.23 17.00 -1.04
N SER B 167 10.79 15.81 -0.89
CA SER B 167 10.23 14.61 -1.49
C SER B 167 9.72 13.66 -0.41
N GLY B 168 8.93 12.69 -0.85
CA GLY B 168 8.49 11.64 0.04
C GLY B 168 7.09 11.84 0.56
N TYR B 169 6.19 10.94 0.16
CA TYR B 169 4.81 10.96 0.61
C TYR B 169 4.72 10.80 2.12
N GLY B 170 4.04 11.74 2.77
CA GLY B 170 3.82 11.66 4.19
C GLY B 170 5.02 11.93 5.04
N GLU B 171 6.14 12.34 4.45
CA GLU B 171 7.31 12.76 5.22
C GLU B 171 7.62 14.24 4.98
N PHE B 172 7.90 14.64 3.74
CA PHE B 172 8.13 16.02 3.38
C PHE B 172 7.20 16.49 2.29
N ASP B 173 6.62 15.59 1.52
CA ASP B 173 5.69 15.91 0.45
C ASP B 173 4.33 15.42 0.96
N ILE B 174 3.49 16.36 1.38
CA ILE B 174 2.36 15.99 2.22
C ILE B 174 1.06 16.51 1.59
N PRO B 175 -0.01 15.70 1.59
CA PRO B 175 -1.28 16.13 0.98
C PRO B 175 -2.18 16.90 1.94
N MET B 176 -2.86 17.92 1.40
CA MET B 176 -3.73 18.79 2.19
C MET B 176 -5.11 18.86 1.53
N ILE B 177 -5.99 17.94 1.89
CA ILE B 177 -7.29 17.83 1.25
C ILE B 177 -8.29 18.62 2.08
N LEU B 178 -8.58 19.82 1.63
CA LEU B 178 -9.47 20.70 2.36
C LEU B 178 -10.93 20.36 2.09
N THR B 179 -11.69 20.19 3.17
CA THR B 179 -13.13 20.03 3.11
C THR B 179 -13.77 20.86 4.21
N SER B 180 -15.09 21.02 4.11
CA SER B 180 -15.83 21.85 5.04
C SER B 180 -17.22 21.26 5.21
N LYS B 181 -17.51 20.73 6.40
CA LYS B 181 -18.71 19.96 6.63
C LYS B 181 -19.46 20.49 7.84
N GLN B 182 -20.64 19.93 8.08
CA GLN B 182 -21.40 20.20 9.29
C GLN B 182 -21.85 18.88 9.94
N TYR B 183 -21.89 18.86 11.27
CA TYR B 183 -22.21 17.65 12.01
C TYR B 183 -23.39 17.89 12.95
N THR B 184 -24.27 16.89 13.06
CA THR B 184 -25.43 17.04 13.92
C THR B 184 -24.99 16.98 15.38
N ALA B 185 -25.96 17.18 16.26
CA ALA B 185 -25.66 17.15 17.69
C ALA B 185 -25.04 15.82 18.09
N ASN B 186 -25.54 14.73 17.52
CA ASN B 186 -25.07 13.41 17.93
C ASN B 186 -23.66 13.10 17.44
N GLY B 187 -23.06 13.99 16.64
CA GLY B 187 -21.74 13.76 16.10
C GLY B 187 -21.72 13.15 14.74
N ASN B 188 -22.87 12.95 14.12
CA ASN B 188 -23.00 12.45 12.76
C ASN B 188 -23.11 13.62 11.79
N LEU B 189 -22.89 13.34 10.51
CA LEU B 189 -22.85 14.41 9.52
C LEU B 189 -24.24 14.96 9.24
N VAL B 190 -24.27 16.24 8.84
CA VAL B 190 -25.49 16.88 8.39
C VAL B 190 -25.55 16.74 6.88
N THR B 191 -26.69 16.29 6.37
CA THR B 191 -26.80 16.04 4.94
C THR B 191 -26.87 17.35 4.17
N THR B 192 -26.21 17.37 3.03
CA THR B 192 -26.39 18.45 2.08
C THR B 192 -27.69 18.33 1.30
N ASN B 193 -28.40 17.22 1.43
CA ASN B 193 -29.61 17.07 0.64
C ASN B 193 -30.65 18.08 1.07
N GLY B 194 -31.27 18.71 0.09
CA GLY B 194 -32.24 19.76 0.34
C GLY B 194 -31.72 21.14 0.02
N GLU B 195 -30.41 21.33 0.04
CA GLU B 195 -29.80 22.63 -0.15
C GLU B 195 -29.66 22.96 -1.64
N LEU B 196 -30.10 24.14 -2.03
CA LEU B 196 -30.08 24.52 -3.42
C LEU B 196 -29.16 25.69 -3.71
N ASN B 197 -28.51 26.26 -2.70
CA ASN B 197 -27.67 27.43 -2.89
C ASN B 197 -26.19 27.12 -2.68
N SER B 198 -25.80 26.77 -1.46
CA SER B 198 -24.43 26.36 -1.17
C SER B 198 -24.48 25.66 0.16
N PHE B 199 -23.60 24.71 0.35
CA PHE B 199 -23.46 24.07 1.65
C PHE B 199 -22.10 24.51 2.16
N TRP B 200 -22.09 25.62 2.88
CA TRP B 200 -20.84 26.20 3.38
C TRP B 200 -20.17 25.27 4.39
N GLY B 201 -20.89 24.89 5.42
CA GLY B 201 -20.30 24.06 6.45
C GLY B 201 -19.48 24.89 7.42
N ASP B 202 -19.38 24.42 8.66
CA ASP B 202 -18.69 25.17 9.68
C ASP B 202 -17.44 24.49 10.20
N VAL B 203 -17.28 23.20 9.95
CA VAL B 203 -16.13 22.44 10.43
C VAL B 203 -15.12 22.31 9.30
N ILE B 204 -13.90 22.73 9.55
CA ILE B 204 -12.82 22.60 8.60
C ILE B 204 -12.07 21.31 8.89
N HIS B 205 -11.77 20.53 7.85
CA HIS B 205 -11.01 19.30 7.96
C HIS B 205 -9.80 19.38 7.05
N VAL B 206 -8.75 18.64 7.39
CA VAL B 206 -7.70 18.33 6.44
C VAL B 206 -7.47 16.83 6.44
N ASN B 207 -7.52 16.21 5.25
CA ASN B 207 -7.49 14.76 5.11
C ASN B 207 -8.54 14.11 6.00
N GLY B 208 -9.73 14.69 6.01
CA GLY B 208 -10.80 14.15 6.81
C GLY B 208 -10.69 14.37 8.30
N GLN B 209 -9.71 15.14 8.76
CA GLN B 209 -9.57 15.40 10.19
C GLN B 209 -9.82 16.88 10.45
N PRO B 210 -10.81 17.19 11.28
CA PRO B 210 -11.09 18.59 11.61
C PRO B 210 -9.95 19.24 12.37
N TRP B 211 -9.50 20.38 11.88
CA TRP B 211 -8.51 21.20 12.57
C TRP B 211 -7.46 20.34 13.23
N PRO B 212 -6.56 19.73 12.48
CA PRO B 212 -5.53 18.89 13.09
C PRO B 212 -4.27 19.68 13.28
N PHE B 213 -3.22 19.05 13.80
CA PHE B 213 -1.91 19.69 13.83
C PHE B 213 -0.87 18.77 13.20
N LYS B 214 0.28 19.34 12.86
CA LYS B 214 1.37 18.52 12.37
C LYS B 214 2.70 19.11 12.80
N ASN B 215 3.60 18.25 13.28
CA ASN B 215 4.94 18.65 13.68
C ASN B 215 5.86 18.53 12.47
N VAL B 216 6.64 19.57 12.25
CA VAL B 216 7.47 19.68 11.06
C VAL B 216 8.82 20.25 11.49
N GLU B 217 9.85 19.95 10.71
CA GLU B 217 11.24 20.30 10.91
C GLU B 217 11.43 21.67 10.28
N PRO B 218 12.35 22.48 10.80
CA PRO B 218 12.72 23.74 10.15
C PRO B 218 13.40 23.53 8.81
N ARG B 219 12.63 23.16 7.80
CA ARG B 219 13.18 22.89 6.49
C ARG B 219 12.04 22.92 5.49
N LYS B 220 12.40 23.08 4.22
CA LYS B 220 11.41 23.24 3.17
C LYS B 220 10.49 22.03 3.10
N TYR B 221 9.19 22.27 3.17
CA TYR B 221 8.16 21.25 3.07
C TYR B 221 7.23 21.58 1.92
N ARG B 222 7.03 20.64 1.01
CA ARG B 222 6.16 20.84 -0.14
C ARG B 222 4.77 20.31 0.19
N PHE B 223 3.76 21.18 0.11
CA PHE B 223 2.39 20.82 0.42
C PHE B 223 1.58 20.76 -0.87
N ARG B 224 0.67 19.78 -0.97
CA ARG B 224 -0.20 19.63 -2.13
C ARG B 224 -1.63 19.91 -1.67
N PHE B 225 -2.15 21.06 -2.06
CA PHE B 225 -3.41 21.58 -1.55
C PHE B 225 -4.54 21.30 -2.51
N LEU B 226 -5.60 20.66 -2.02
CA LEU B 226 -6.79 20.47 -2.83
C LEU B 226 -8.01 21.01 -2.09
N ASP B 227 -8.76 21.89 -2.73
CA ASP B 227 -10.04 22.30 -2.18
C ASP B 227 -11.08 21.31 -2.66
N ALA B 228 -11.32 20.29 -1.85
CA ALA B 228 -12.32 19.27 -2.13
C ALA B 228 -13.67 19.59 -1.53
N ALA B 229 -13.93 20.86 -1.25
CA ALA B 229 -15.15 21.12 -0.50
C ALA B 229 -16.32 21.22 -1.46
N VAL B 230 -17.52 21.07 -0.89
CA VAL B 230 -18.76 21.20 -1.65
C VAL B 230 -18.94 22.60 -2.18
N SER B 231 -18.81 23.60 -1.31
CA SER B 231 -19.10 24.97 -1.70
C SER B 231 -18.17 26.02 -1.12
N ARG B 232 -17.24 25.67 -0.23
CA ARG B 232 -16.41 26.68 0.41
C ARG B 232 -15.13 26.89 -0.37
N SER B 233 -14.91 28.13 -0.79
CA SER B 233 -13.61 28.53 -1.30
C SER B 233 -12.76 29.02 -0.14
N PHE B 234 -11.46 29.06 -0.37
CA PHE B 234 -10.53 29.40 0.69
C PHE B 234 -9.62 30.53 0.24
N GLY B 235 -9.09 31.24 1.22
CA GLY B 235 -8.01 32.17 0.99
C GLY B 235 -7.07 31.96 2.13
N LEU B 236 -5.93 31.32 1.88
CA LEU B 236 -5.10 30.77 2.93
C LEU B 236 -3.83 31.59 3.12
N TYR B 237 -3.40 31.72 4.36
CA TYR B 237 -2.10 32.26 4.70
C TYR B 237 -1.56 31.50 5.90
N PHE B 238 -0.30 31.73 6.21
CA PHE B 238 0.33 31.19 7.41
C PHE B 238 0.71 32.34 8.34
N ALA B 239 0.52 32.14 9.64
CA ALA B 239 0.79 33.19 10.61
C ALA B 239 1.35 32.59 11.90
N ASP B 240 2.24 33.34 12.54
CA ASP B 240 2.78 32.95 13.83
C ASP B 240 1.71 33.11 14.91
N THR B 241 1.66 32.15 15.85
CA THR B 241 0.58 32.13 16.84
C THR B 241 0.59 33.37 17.72
N ASP B 242 1.67 34.13 17.70
CA ASP B 242 1.80 35.34 18.49
C ASP B 242 1.76 36.59 17.64
N ALA B 243 1.68 36.43 16.33
CA ALA B 243 1.45 37.52 15.38
C ALA B 243 0.42 37.08 14.36
N ILE B 244 -0.72 36.60 14.85
CA ILE B 244 -1.69 35.90 14.01
C ILE B 244 -2.13 36.72 12.82
N ASP B 245 -1.97 38.03 12.86
CA ASP B 245 -2.39 38.84 11.73
C ASP B 245 -1.29 39.06 10.70
N THR B 246 -0.12 38.44 10.87
CA THR B 246 1.00 38.70 9.98
C THR B 246 1.16 37.58 8.96
N ARG B 247 1.43 37.97 7.72
CA ARG B 247 1.40 37.06 6.57
C ARG B 247 2.79 36.47 6.34
N LEU B 248 2.89 35.13 6.44
CA LEU B 248 4.17 34.50 6.16
C LEU B 248 4.24 34.08 4.70
N PRO B 249 5.31 34.43 3.99
CA PRO B 249 5.37 34.17 2.55
C PRO B 249 5.86 32.76 2.23
N PHE B 250 5.59 32.35 1.00
CA PHE B 250 5.98 31.04 0.52
C PHE B 250 5.98 31.06 -0.99
N LYS B 251 6.28 29.90 -1.57
CA LYS B 251 6.30 29.76 -3.02
C LYS B 251 5.27 28.73 -3.44
N VAL B 252 4.55 29.05 -4.50
CA VAL B 252 3.61 28.15 -5.16
C VAL B 252 4.32 27.60 -6.38
N ILE B 253 4.44 26.27 -6.45
CA ILE B 253 5.31 25.70 -7.47
C ILE B 253 4.52 25.12 -8.62
N ALA B 254 3.28 24.73 -8.35
CA ALA B 254 2.52 24.00 -9.35
C ALA B 254 1.04 24.28 -9.17
N SER B 255 0.32 24.27 -10.29
CA SER B 255 -1.10 24.50 -10.33
C SER B 255 -1.81 23.20 -10.68
N ASP B 256 -3.05 23.31 -11.18
CA ASP B 256 -3.87 22.13 -11.44
C ASP B 256 -3.18 21.13 -12.34
N SER B 257 -2.45 21.61 -13.34
CA SER B 257 -1.90 20.79 -14.41
C SER B 257 -0.40 20.63 -14.32
N GLY B 258 0.23 21.12 -13.27
CA GLY B 258 1.65 20.95 -13.09
C GLY B 258 2.39 22.26 -12.97
N LEU B 259 3.70 22.14 -12.80
CA LEU B 259 4.53 23.25 -12.35
C LEU B 259 4.34 24.48 -13.21
N LEU B 260 4.55 25.63 -12.58
CA LEU B 260 4.63 26.91 -13.28
C LEU B 260 6.02 27.06 -13.87
N GLU B 261 6.15 27.97 -14.85
CA GLU B 261 7.46 28.20 -15.44
C GLU B 261 8.44 28.73 -14.41
N HIS B 262 7.96 29.47 -13.42
CA HIS B 262 8.76 29.96 -12.32
C HIS B 262 7.91 29.92 -11.07
N PRO B 263 8.53 29.72 -9.90
CA PRO B 263 7.74 29.64 -8.68
C PRO B 263 7.11 30.99 -8.34
N ALA B 264 5.81 30.97 -8.06
CA ALA B 264 5.12 32.20 -7.75
C ALA B 264 5.36 32.58 -6.30
N ASP B 265 5.89 33.77 -6.08
CA ASP B 265 6.09 34.25 -4.73
C ASP B 265 4.85 35.00 -4.26
N THR B 266 4.34 34.62 -3.11
CA THR B 266 3.03 35.08 -2.67
C THR B 266 2.93 34.93 -1.16
N SER B 267 1.99 35.67 -0.58
CA SER B 267 1.68 35.54 0.83
C SER B 267 0.33 34.91 1.08
N LEU B 268 -0.52 34.81 0.06
CA LEU B 268 -1.89 34.35 0.28
C LEU B 268 -2.40 33.58 -0.93
N LEU B 269 -3.08 32.47 -0.70
CA LEU B 269 -3.45 31.55 -1.77
C LEU B 269 -4.97 31.45 -1.83
N TYR B 270 -5.54 32.00 -2.89
CA TYR B 270 -6.93 31.79 -3.25
C TYR B 270 -7.09 30.42 -3.89
N ILE B 271 -7.87 29.53 -3.27
CA ILE B 271 -8.16 28.23 -3.85
C ILE B 271 -9.65 27.94 -3.69
N SER B 272 -10.36 27.75 -4.80
CA SER B 272 -11.76 27.39 -4.78
C SER B 272 -11.96 25.90 -5.06
N MET B 273 -13.21 25.45 -5.03
CA MET B 273 -13.52 24.03 -5.19
C MET B 273 -12.82 23.43 -6.39
N ALA B 274 -12.14 22.30 -6.17
CA ALA B 274 -11.49 21.48 -7.16
C ALA B 274 -10.17 22.06 -7.62
N GLU B 275 -9.74 23.18 -7.09
CA GLU B 275 -8.46 23.69 -7.52
C GLU B 275 -7.37 22.99 -6.75
N ARG B 276 -6.25 22.82 -7.42
CA ARG B 276 -5.08 22.21 -6.82
C ARG B 276 -3.92 23.17 -6.98
N TYR B 277 -3.10 23.26 -5.94
CA TYR B 277 -1.84 23.97 -5.99
C TYR B 277 -0.88 23.22 -5.10
N GLU B 278 0.40 23.30 -5.42
CA GLU B 278 1.43 22.74 -4.57
C GLU B 278 2.33 23.87 -4.12
N VAL B 279 2.49 24.00 -2.81
CA VAL B 279 3.34 25.02 -2.25
C VAL B 279 4.46 24.32 -1.50
N VAL B 280 5.59 24.99 -1.45
CA VAL B 280 6.68 24.60 -0.57
C VAL B 280 6.81 25.68 0.47
N PHE B 281 7.01 25.27 1.72
CA PHE B 281 7.10 26.21 2.84
C PHE B 281 8.41 26.00 3.58
N ASP B 282 9.21 27.05 3.69
CA ASP B 282 10.47 26.98 4.43
C ASP B 282 10.21 27.24 5.91
N PHE B 283 10.16 26.18 6.68
CA PHE B 283 10.08 26.29 8.13
C PHE B 283 11.42 26.66 8.75
N SER B 284 12.39 27.07 7.94
CA SER B 284 13.73 27.37 8.44
C SER B 284 13.69 28.35 9.61
N ASP B 285 13.12 29.53 9.39
CA ASP B 285 13.22 30.62 10.36
C ASP B 285 12.27 30.47 11.53
N TYR B 286 11.13 29.82 11.33
CA TYR B 286 10.20 29.61 12.42
C TYR B 286 10.61 28.45 13.29
N ALA B 287 11.85 28.01 13.16
CA ALA B 287 12.47 27.13 14.14
C ALA B 287 11.96 27.47 15.52
N GLY B 288 11.52 26.45 16.24
CA GLY B 288 10.95 26.66 17.56
C GLY B 288 9.52 27.20 17.56
N LYS B 289 9.12 27.92 16.52
CA LYS B 289 7.86 28.64 16.58
C LYS B 289 6.69 27.66 16.42
N THR B 290 5.51 28.21 16.18
CA THR B 290 4.32 27.42 15.90
C THR B 290 3.50 28.18 14.87
N ILE B 291 3.51 27.70 13.64
CA ILE B 291 2.82 28.34 12.54
C ILE B 291 1.41 27.75 12.43
N GLU B 292 0.41 28.61 12.32
CA GLU B 292 -0.97 28.18 12.09
C GLU B 292 -1.36 28.45 10.65
N LEU B 293 -2.10 27.50 10.05
CA LEU B 293 -2.66 27.68 8.73
C LEU B 293 -4.06 28.26 8.88
N ARG B 294 -4.31 29.39 8.22
CA ARG B 294 -5.53 30.13 8.48
C ARG B 294 -6.30 30.38 7.19
N ASN B 295 -7.57 30.73 7.37
CA ASN B 295 -8.46 31.03 6.24
C ASN B 295 -8.97 32.45 6.38
N LEU B 296 -9.05 33.12 5.24
CA LEU B 296 -9.40 34.54 5.18
C LEU B 296 -10.89 34.71 5.39
N GLY B 297 -11.26 35.51 6.39
CA GLY B 297 -12.65 35.83 6.66
C GLY B 297 -13.17 36.90 5.71
N GLY B 298 -14.20 37.60 6.15
CA GLY B 298 -14.77 38.57 5.23
C GLY B 298 -15.25 37.96 3.94
N SER B 299 -15.64 36.68 3.98
CA SER B 299 -16.06 35.99 2.78
C SER B 299 -14.94 36.01 1.74
N ILE B 300 -13.80 35.46 2.16
CA ILE B 300 -12.58 35.38 1.34
C ILE B 300 -12.21 36.78 0.87
N GLY B 301 -12.17 37.73 1.80
CA GLY B 301 -11.73 39.06 1.44
C GLY B 301 -12.59 39.74 0.42
N GLY B 302 -13.88 39.44 0.39
CA GLY B 302 -14.74 40.07 -0.58
C GLY B 302 -14.74 39.44 -1.95
N ILE B 303 -13.91 38.43 -2.17
CA ILE B 303 -13.91 37.72 -3.45
C ILE B 303 -15.17 36.89 -3.60
N GLY B 304 -15.60 36.26 -2.53
CA GLY B 304 -16.69 35.31 -2.63
C GLY B 304 -17.88 35.71 -1.79
N THR B 305 -18.79 34.78 -1.53
CA THR B 305 -19.95 35.09 -0.73
C THR B 305 -20.17 34.08 0.36
N ASP B 306 -19.16 33.29 0.68
CA ASP B 306 -19.29 32.23 1.65
C ASP B 306 -19.58 32.79 3.03
N THR B 307 -20.42 32.06 3.77
CA THR B 307 -20.67 32.36 5.16
C THR B 307 -19.46 31.94 5.99
N ASP B 308 -18.97 32.85 6.83
CA ASP B 308 -17.87 32.57 7.74
C ASP B 308 -18.42 32.13 9.09
N TYR B 309 -17.69 31.27 9.79
CA TYR B 309 -18.13 30.83 11.11
C TYR B 309 -16.99 31.03 12.10
N ASP B 310 -17.29 30.76 13.37
CA ASP B 310 -16.35 31.08 14.44
C ASP B 310 -14.98 30.50 14.19
N ASN B 311 -14.91 29.29 13.66
CA ASN B 311 -13.63 28.63 13.52
C ASN B 311 -13.29 28.28 12.09
N THR B 312 -13.97 28.89 11.13
CA THR B 312 -13.61 28.78 9.73
C THR B 312 -12.56 29.78 9.34
N ASP B 313 -11.91 30.41 10.30
CA ASP B 313 -10.70 31.16 10.03
C ASP B 313 -9.45 30.34 10.26
N LYS B 314 -9.59 29.16 10.85
CA LYS B 314 -8.49 28.32 11.25
C LYS B 314 -8.62 26.99 10.54
N VAL B 315 -7.54 26.56 9.89
CA VAL B 315 -7.53 25.29 9.17
C VAL B 315 -6.86 24.24 10.02
N MET B 316 -5.54 24.32 10.16
CA MET B 316 -4.77 23.43 11.01
C MET B 316 -3.57 24.18 11.55
N ARG B 317 -2.77 23.50 12.38
CA ARG B 317 -1.61 24.08 13.05
C ARG B 317 -0.37 23.28 12.75
N PHE B 318 0.76 23.95 12.58
CA PHE B 318 2.06 23.32 12.35
C PHE B 318 3.02 23.75 13.42
N VAL B 319 3.64 22.80 14.13
CA VAL B 319 4.60 23.12 15.18
C VAL B 319 6.01 22.85 14.65
N VAL B 320 6.76 23.91 14.37
CA VAL B 320 8.12 23.77 13.93
C VAL B 320 8.97 23.25 15.09
N ALA B 321 10.11 22.66 14.73
CA ALA B 321 11.02 22.08 15.70
C ALA B 321 12.23 22.99 15.89
N ASP B 322 13.11 22.60 16.79
CA ASP B 322 14.28 23.43 17.07
C ASP B 322 15.42 23.15 16.09
N ASP B 323 15.56 21.92 15.61
CA ASP B 323 16.69 21.54 14.77
C ASP B 323 16.25 20.61 13.65
N THR B 324 16.87 20.77 12.47
CA THR B 324 16.69 19.79 11.41
C THR B 324 17.29 18.47 11.86
N THR B 325 16.48 17.41 11.76
CA THR B 325 17.00 16.09 12.08
C THR B 325 17.93 15.54 11.00
N GLN B 326 17.86 16.10 9.80
CA GLN B 326 18.77 15.83 8.70
C GLN B 326 18.87 17.12 7.90
N PRO B 327 20.03 17.40 7.31
CA PRO B 327 20.18 18.66 6.58
C PRO B 327 19.14 18.81 5.47
N ASP B 328 18.80 20.06 5.17
CA ASP B 328 17.75 20.37 4.20
C ASP B 328 18.38 20.52 2.83
N THR B 329 18.69 19.38 2.23
CA THR B 329 19.16 19.39 0.85
C THR B 329 18.06 19.77 -0.13
N SER B 330 16.80 19.72 0.30
CA SER B 330 15.71 20.04 -0.61
C SER B 330 15.87 21.47 -1.13
N VAL B 331 15.28 21.71 -2.30
CA VAL B 331 15.52 22.95 -3.00
C VAL B 331 14.30 23.29 -3.83
N VAL B 332 14.04 24.58 -3.96
CA VAL B 332 13.12 25.10 -4.96
C VAL B 332 13.96 25.86 -5.98
N PRO B 333 14.04 25.42 -7.22
CA PRO B 333 14.74 26.21 -8.23
C PRO B 333 13.91 27.41 -8.60
N ALA B 334 14.42 28.26 -9.48
CA ALA B 334 13.65 29.36 -10.02
C ALA B 334 13.20 29.12 -11.45
N ASN B 335 14.00 28.40 -12.24
CA ASN B 335 13.50 27.72 -13.41
C ASN B 335 12.88 26.42 -12.93
N LEU B 336 11.64 26.16 -13.35
CA LEU B 336 10.90 24.98 -12.90
C LEU B 336 10.60 24.01 -14.02
N ARG B 337 10.08 24.51 -15.14
CA ARG B 337 9.83 23.68 -16.31
C ARG B 337 9.53 24.64 -17.46
N ASP B 338 9.45 24.09 -18.65
CA ASP B 338 8.79 24.78 -19.74
C ASP B 338 7.34 24.34 -19.74
N VAL B 339 6.44 25.29 -19.92
CA VAL B 339 5.01 25.03 -19.88
C VAL B 339 4.52 24.79 -21.30
N PRO B 340 3.76 23.75 -21.55
CA PRO B 340 3.24 23.49 -22.90
C PRO B 340 1.98 24.31 -23.20
N PHE B 341 2.13 25.64 -23.18
CA PHE B 341 1.00 26.49 -23.51
C PHE B 341 0.47 26.14 -24.89
N PRO B 342 -0.81 26.37 -25.14
CA PRO B 342 -1.33 26.18 -26.48
C PRO B 342 -0.90 27.33 -27.38
N SER B 343 -0.68 26.99 -28.65
CA SER B 343 -0.39 27.99 -29.67
C SER B 343 -1.51 29.02 -29.66
N PRO B 344 -1.28 30.20 -29.10
CA PRO B 344 -2.39 31.12 -28.81
C PRO B 344 -3.21 31.44 -30.04
N THR B 345 -4.50 31.67 -29.84
CA THR B 345 -5.40 32.02 -30.92
C THR B 345 -5.79 33.49 -30.86
N THR B 346 -6.39 33.95 -31.94
CA THR B 346 -6.98 35.28 -32.01
C THR B 346 -8.43 35.21 -32.47
N ASN B 347 -9.06 34.06 -32.33
CA ASN B 347 -10.46 34.02 -32.73
C ASN B 347 -11.33 34.65 -31.65
N THR B 348 -12.56 34.95 -32.05
CA THR B 348 -13.50 35.52 -31.11
C THR B 348 -13.83 34.49 -30.04
N PRO B 349 -13.91 34.90 -28.78
CA PRO B 349 -14.12 33.92 -27.71
C PRO B 349 -15.55 33.43 -27.67
N ARG B 350 -15.69 32.17 -27.28
CA ARG B 350 -17.01 31.64 -26.94
C ARG B 350 -17.45 32.18 -25.58
N GLN B 351 -18.74 32.44 -25.43
CA GLN B 351 -19.27 33.12 -24.26
C GLN B 351 -20.21 32.22 -23.46
N PHE B 352 -19.90 32.06 -22.17
CA PHE B 352 -20.71 31.22 -21.29
C PHE B 352 -21.06 31.98 -20.03
N ARG B 353 -22.35 32.04 -19.71
CA ARG B 353 -22.91 32.87 -18.65
C ARG B 353 -23.41 31.99 -17.52
N PHE B 354 -22.81 32.15 -16.34
CA PHE B 354 -23.13 31.33 -15.18
C PHE B 354 -23.98 32.12 -14.20
N GLY B 355 -25.28 31.91 -14.26
CA GLY B 355 -26.17 32.59 -13.34
C GLY B 355 -27.32 31.75 -12.83
N ARG B 356 -28.44 32.40 -12.49
CA ARG B 356 -29.64 31.74 -12.03
C ARG B 356 -30.71 31.84 -13.09
N THR B 357 -31.47 30.79 -13.25
CA THR B 357 -32.66 30.79 -14.10
C THR B 357 -33.76 30.41 -13.14
N GLY B 358 -34.49 31.40 -12.64
CA GLY B 358 -35.33 31.17 -11.50
C GLY B 358 -34.46 30.73 -10.35
N PRO B 359 -34.85 29.66 -9.65
CA PRO B 359 -34.00 29.12 -8.60
C PRO B 359 -32.85 28.26 -9.08
N THR B 360 -32.73 28.01 -10.39
CA THR B 360 -31.85 26.95 -10.90
C THR B 360 -30.58 27.52 -11.51
N TRP B 361 -29.45 26.99 -11.08
CA TRP B 361 -28.15 27.41 -11.58
C TRP B 361 -27.95 26.86 -12.98
N THR B 362 -27.57 27.74 -13.90
CA THR B 362 -27.54 27.39 -15.31
C THR B 362 -26.26 27.89 -15.95
N ILE B 363 -25.96 27.30 -17.10
CA ILE B 363 -24.98 27.84 -18.04
C ILE B 363 -25.75 28.33 -19.25
N ASN B 364 -25.68 29.62 -19.52
CA ASN B 364 -26.42 30.20 -20.63
C ASN B 364 -27.90 29.88 -20.56
N GLY B 365 -28.44 29.79 -19.37
CA GLY B 365 -29.87 29.57 -19.23
C GLY B 365 -30.32 28.15 -19.40
N VAL B 366 -29.42 27.19 -19.63
CA VAL B 366 -29.83 25.80 -19.75
C VAL B 366 -29.26 24.99 -18.59
N ALA B 367 -30.02 24.00 -18.20
CA ALA B 367 -29.69 23.12 -17.09
C ALA B 367 -29.39 21.73 -17.61
N PHE B 368 -28.44 21.05 -16.95
CA PHE B 368 -27.97 19.77 -17.45
C PHE B 368 -29.12 18.80 -17.68
N ALA B 369 -30.15 18.84 -16.85
CA ALA B 369 -31.23 17.86 -16.97
C ALA B 369 -31.96 17.96 -18.29
N ASP B 370 -31.72 19.00 -19.06
CA ASP B 370 -32.46 19.29 -20.28
C ASP B 370 -31.68 18.68 -21.42
N VAL B 371 -31.94 17.39 -21.70
CA VAL B 371 -31.01 16.68 -22.56
C VAL B 371 -31.02 17.30 -23.95
N GLN B 372 -32.17 17.79 -24.38
CA GLN B 372 -32.28 18.35 -25.73
C GLN B 372 -31.31 19.49 -25.93
N ASN B 373 -31.13 20.32 -24.91
CA ASN B 373 -30.34 21.53 -25.05
C ASN B 373 -29.02 21.42 -24.31
N ARG B 374 -28.74 20.25 -23.75
CA ARG B 374 -27.51 20.00 -23.01
C ARG B 374 -26.27 20.36 -23.80
N LEU B 375 -26.22 19.95 -25.05
CA LEU B 375 -25.00 20.20 -25.80
C LEU B 375 -24.95 21.66 -26.17
N LEU B 376 -23.86 22.32 -25.80
CA LEU B 376 -23.72 23.74 -26.04
C LEU B 376 -22.62 24.12 -27.01
N ALA B 377 -21.75 23.20 -27.40
CA ALA B 377 -20.63 23.58 -28.23
C ALA B 377 -20.12 22.36 -29.01
N ASN B 378 -19.79 22.57 -30.28
CA ASN B 378 -19.02 21.63 -31.07
C ASN B 378 -17.66 22.25 -31.35
N VAL B 379 -16.60 21.58 -30.94
CA VAL B 379 -15.24 22.01 -31.24
C VAL B 379 -14.54 20.93 -32.07
N PRO B 380 -14.19 21.19 -33.32
CA PRO B 380 -13.32 20.25 -34.04
C PRO B 380 -12.03 19.98 -33.28
N VAL B 381 -11.73 18.69 -33.09
CA VAL B 381 -10.53 18.31 -32.36
C VAL B 381 -9.31 19.04 -32.94
N GLY B 382 -8.37 19.37 -32.06
CA GLY B 382 -7.18 20.08 -32.43
C GLY B 382 -7.30 21.58 -32.42
N THR B 383 -8.52 22.12 -32.37
CA THR B 383 -8.71 23.57 -32.36
C THR B 383 -8.27 24.19 -31.03
N VAL B 384 -7.78 25.41 -31.12
CA VAL B 384 -7.54 26.27 -29.97
C VAL B 384 -8.63 27.32 -29.96
N GLU B 385 -9.36 27.40 -28.86
CA GLU B 385 -10.43 28.36 -28.69
C GLU B 385 -10.25 29.10 -27.37
N ARG B 386 -10.66 30.35 -27.37
CA ARG B 386 -10.75 31.12 -26.16
C ARG B 386 -12.20 31.10 -25.73
N TRP B 387 -12.40 30.97 -24.43
CA TRP B 387 -13.73 30.90 -23.85
C TRP B 387 -13.85 31.99 -22.81
N GLU B 388 -14.92 32.75 -22.89
CA GLU B 388 -15.14 33.87 -21.99
C GLU B 388 -16.14 33.44 -20.93
N LEU B 389 -15.70 33.39 -19.68
CA LEU B 389 -16.51 32.88 -18.57
C LEU B 389 -17.02 34.04 -17.72
N ILE B 390 -18.34 34.16 -17.60
CA ILE B 390 -18.99 35.37 -17.12
C ILE B 390 -19.83 35.03 -15.90
N ASN B 391 -19.49 35.61 -14.74
CA ASN B 391 -20.37 35.62 -13.58
C ASN B 391 -20.86 37.06 -13.44
N ALA B 392 -22.05 37.34 -13.94
CA ALA B 392 -22.53 38.70 -13.81
C ALA B 392 -23.21 38.97 -12.48
N GLY B 393 -23.26 38.01 -11.62
CA GLY B 393 -23.88 38.23 -10.34
C GLY B 393 -22.90 38.62 -9.27
N ASN B 394 -23.42 39.29 -8.25
CA ASN B 394 -22.68 39.60 -7.04
C ASN B 394 -22.99 38.62 -5.91
N GLY B 395 -24.10 37.92 -5.98
CA GLY B 395 -24.50 37.02 -4.94
C GLY B 395 -24.01 35.58 -5.05
N TRP B 396 -23.09 35.27 -5.95
CA TRP B 396 -22.63 33.90 -6.10
C TRP B 396 -21.29 33.88 -6.80
N THR B 397 -20.47 32.89 -6.45
CA THR B 397 -19.17 32.68 -7.08
C THR B 397 -19.08 31.26 -7.61
N HIS B 398 -18.18 31.08 -8.59
CA HIS B 398 -18.20 29.92 -9.46
C HIS B 398 -16.84 29.42 -9.90
N PRO B 399 -16.36 28.35 -9.33
CA PRO B 399 -15.18 27.66 -9.84
C PRO B 399 -15.60 26.81 -11.03
N ILE B 400 -15.19 27.23 -12.22
CA ILE B 400 -15.62 26.61 -13.46
C ILE B 400 -14.58 25.60 -13.89
N HIS B 401 -15.02 24.39 -14.19
CA HIS B 401 -14.12 23.30 -14.57
C HIS B 401 -14.47 22.84 -15.98
N ILE B 402 -13.46 22.66 -16.81
CA ILE B 402 -13.66 22.14 -18.15
C ILE B 402 -12.95 20.80 -18.24
N HIS B 403 -13.68 19.78 -18.67
CA HIS B 403 -13.09 18.45 -18.75
C HIS B 403 -12.13 18.37 -19.91
N LEU B 404 -11.30 17.31 -19.90
CA LEU B 404 -10.42 16.91 -21.00
C LEU B 404 -9.17 17.79 -21.12
N VAL B 405 -9.32 19.09 -20.91
CA VAL B 405 -8.36 20.07 -21.38
C VAL B 405 -7.57 20.70 -20.24
N ASP B 406 -6.40 21.25 -20.59
CA ASP B 406 -5.62 22.15 -19.76
C ASP B 406 -5.59 23.53 -20.39
N PHE B 407 -5.69 24.60 -19.58
CA PHE B 407 -5.84 25.93 -20.16
C PHE B 407 -5.08 27.01 -19.39
N LYS B 408 -4.81 28.11 -20.09
CA LYS B 408 -4.12 29.28 -19.56
C LYS B 408 -5.12 30.38 -19.30
N VAL B 409 -5.02 31.02 -18.14
CA VAL B 409 -5.92 32.11 -17.78
C VAL B 409 -5.42 33.39 -18.46
N ILE B 410 -6.27 33.96 -19.32
CA ILE B 410 -5.83 35.08 -20.12
C ILE B 410 -6.17 36.41 -19.48
N SER B 411 -7.31 36.50 -18.81
CA SER B 411 -7.70 37.79 -18.25
C SER B 411 -8.70 37.56 -17.14
N ARG B 412 -8.69 38.47 -16.17
CA ARG B 412 -9.75 38.55 -15.18
C ARG B 412 -10.10 40.01 -14.97
N THR B 413 -11.40 40.34 -15.07
CA THR B 413 -11.90 41.67 -14.75
C THR B 413 -12.97 41.51 -13.67
N SER B 414 -12.89 42.35 -12.64
CA SER B 414 -13.77 42.25 -11.48
C SER B 414 -14.62 43.49 -11.37
N GLY B 415 -15.92 43.37 -11.64
CA GLY B 415 -16.86 44.47 -11.53
C GLY B 415 -16.91 45.07 -10.13
N ASN B 416 -16.17 44.46 -9.21
CA ASN B 416 -15.87 45.06 -7.93
C ASN B 416 -14.42 45.50 -7.83
N ASN B 417 -13.69 45.49 -8.96
CA ASN B 417 -12.27 45.85 -8.99
C ASN B 417 -11.46 45.01 -8.02
N ALA B 418 -12.00 43.87 -7.60
CA ALA B 418 -11.38 43.14 -6.52
C ALA B 418 -9.99 42.65 -6.89
N ARG B 419 -9.80 42.22 -8.14
CA ARG B 419 -8.53 41.62 -8.53
C ARG B 419 -8.49 41.44 -10.04
N THR B 420 -7.30 41.14 -10.52
CA THR B 420 -7.12 40.64 -11.87
C THR B 420 -6.46 39.26 -11.78
N VAL B 421 -5.66 38.89 -12.78
CA VAL B 421 -5.12 37.54 -12.85
C VAL B 421 -4.04 37.36 -11.79
N MET B 422 -4.12 36.26 -11.06
CA MET B 422 -3.21 36.01 -9.94
C MET B 422 -1.90 35.41 -10.43
N PRO B 423 -0.82 35.56 -9.65
CA PRO B 423 0.50 35.15 -10.18
C PRO B 423 0.72 33.64 -10.18
N TYR B 424 0.04 32.89 -9.33
CA TYR B 424 0.08 31.43 -9.44
C TYR B 424 -0.86 30.90 -10.51
N GLU B 425 -1.65 31.77 -11.11
CA GLU B 425 -2.39 31.43 -12.30
C GLU B 425 -1.53 31.54 -13.56
N SER B 426 -0.22 31.41 -13.43
CA SER B 426 0.65 31.66 -14.58
C SER B 426 0.75 30.46 -15.51
N GLY B 427 0.44 29.27 -15.01
CA GLY B 427 0.72 28.05 -15.77
C GLY B 427 -0.49 27.47 -16.47
N LEU B 428 -0.71 26.18 -16.28
CA LEU B 428 -1.87 25.52 -16.86
C LEU B 428 -2.81 25.06 -15.75
N LYS B 429 -4.11 25.13 -16.03
CA LYS B 429 -5.13 24.81 -15.05
C LYS B 429 -6.28 24.12 -15.74
N ASP B 430 -7.18 23.56 -14.95
CA ASP B 430 -8.44 23.08 -15.48
C ASP B 430 -9.65 23.64 -14.74
N VAL B 431 -9.47 24.30 -13.59
CA VAL B 431 -10.54 24.97 -12.87
C VAL B 431 -10.13 26.43 -12.68
N VAL B 432 -11.06 27.36 -12.91
CA VAL B 432 -10.78 28.77 -12.65
C VAL B 432 -11.97 29.43 -11.96
N TRP B 433 -11.68 30.14 -10.87
CA TRP B 433 -12.67 30.74 -10.00
C TRP B 433 -13.18 32.04 -10.58
N LEU B 434 -14.49 32.16 -10.76
CA LEU B 434 -15.13 33.44 -11.05
C LEU B 434 -15.68 33.95 -9.72
N GLY B 435 -15.08 35.02 -9.21
CA GLY B 435 -15.59 35.64 -8.01
C GLY B 435 -16.76 36.52 -8.34
N ARG B 436 -17.21 37.27 -7.34
CA ARG B 436 -18.31 38.20 -7.53
CA ARG B 436 -18.31 38.20 -7.53
C ARG B 436 -18.05 39.10 -8.72
N ARG B 437 -19.00 39.14 -9.64
CA ARG B 437 -18.95 39.99 -10.84
C ARG B 437 -17.62 39.84 -11.59
N GLU B 438 -17.03 38.66 -11.54
CA GLU B 438 -15.76 38.42 -12.22
C GLU B 438 -16.00 37.75 -13.55
N THR B 439 -15.23 38.18 -14.55
CA THR B 439 -15.19 37.58 -15.88
C THR B 439 -13.76 37.20 -16.18
N VAL B 440 -13.55 35.95 -16.60
CA VAL B 440 -12.23 35.43 -16.92
C VAL B 440 -12.29 34.77 -18.29
N VAL B 441 -11.28 35.05 -19.11
CA VAL B 441 -11.15 34.38 -20.40
C VAL B 441 -9.99 33.41 -20.30
N VAL B 442 -10.15 32.22 -20.89
CA VAL B 442 -9.10 31.22 -20.89
C VAL B 442 -8.93 30.66 -22.29
N GLU B 443 -7.75 30.08 -22.53
CA GLU B 443 -7.33 29.61 -23.83
C GLU B 443 -7.02 28.13 -23.73
N ALA B 444 -7.51 27.34 -24.68
CA ALA B 444 -7.33 25.91 -24.56
C ALA B 444 -7.24 25.24 -25.92
N HIS B 445 -6.34 24.27 -26.02
CA HIS B 445 -6.19 23.42 -27.19
C HIS B 445 -7.12 22.22 -27.01
N TYR B 446 -8.09 22.07 -27.91
CA TYR B 446 -9.11 21.03 -27.75
C TYR B 446 -8.63 19.75 -28.42
N ALA B 447 -7.77 19.04 -27.69
CA ALA B 447 -6.99 17.92 -28.20
C ALA B 447 -6.70 16.98 -27.04
N PRO B 448 -6.40 15.72 -27.32
CA PRO B 448 -6.27 15.08 -28.62
C PRO B 448 -7.29 13.99 -28.84
N PHE B 449 -8.43 13.98 -28.15
CA PHE B 449 -9.34 12.86 -28.20
C PHE B 449 -10.76 13.33 -28.49
N PRO B 450 -11.43 12.74 -29.47
CA PRO B 450 -12.84 13.07 -29.70
C PRO B 450 -13.72 12.47 -28.61
N GLY B 451 -14.92 13.01 -28.51
CA GLY B 451 -15.86 12.58 -27.50
C GLY B 451 -16.73 13.72 -27.04
N VAL B 452 -17.71 13.37 -26.22
CA VAL B 452 -18.57 14.34 -25.57
C VAL B 452 -18.11 14.48 -24.13
N TYR B 453 -17.85 15.71 -23.72
CA TYR B 453 -17.25 15.98 -22.42
C TYR B 453 -18.05 17.04 -21.68
N MET B 454 -17.91 17.03 -20.36
CA MET B 454 -18.67 17.92 -19.51
C MET B 454 -17.89 19.19 -19.16
N PHE B 455 -18.63 20.19 -18.71
CA PHE B 455 -18.05 21.35 -18.04
C PHE B 455 -19.14 22.03 -17.25
N HIS B 456 -18.75 22.68 -16.15
CA HIS B 456 -19.70 22.99 -15.09
C HIS B 456 -19.04 23.84 -14.02
N CYS B 457 -19.86 24.45 -13.18
CA CYS B 457 -19.34 25.04 -11.96
C CYS B 457 -19.02 23.93 -10.98
N HIS B 458 -17.89 24.05 -10.30
CA HIS B 458 -17.48 23.00 -9.39
C HIS B 458 -17.88 23.27 -7.94
N ASN B 459 -18.84 24.16 -7.73
CA ASN B 459 -19.62 24.16 -6.50
C ASN B 459 -20.63 23.05 -6.68
N LEU B 460 -20.51 22.02 -5.87
CA LEU B 460 -21.24 20.82 -6.18
C LEU B 460 -22.74 21.04 -6.09
N ILE B 461 -23.15 21.99 -5.25
CA ILE B 461 -24.58 22.27 -5.14
C ILE B 461 -25.09 22.94 -6.39
N HIS B 462 -24.30 23.84 -6.97
CA HIS B 462 -24.69 24.44 -8.25
C HIS B 462 -24.69 23.39 -9.34
N GLU B 463 -23.63 22.59 -9.36
CA GLU B 463 -23.49 21.52 -10.34
C GLU B 463 -24.69 20.58 -10.29
N ASP B 464 -25.19 20.29 -9.09
CA ASP B 464 -26.30 19.37 -8.95
C ASP B 464 -27.63 19.99 -9.34
N HIS B 465 -27.71 21.31 -9.43
CA HIS B 465 -28.98 21.96 -9.75
C HIS B 465 -28.68 23.30 -10.39
N ASP B 466 -28.18 23.29 -11.60
CA ASP B 466 -27.96 22.20 -12.51
C ASP B 466 -26.97 22.80 -13.46
N MET B 467 -25.96 23.44 -12.87
CA MET B 467 -25.09 24.35 -13.58
C MET B 467 -23.98 23.56 -14.24
N MET B 468 -24.39 22.84 -15.28
CA MET B 468 -23.53 21.91 -15.98
C MET B 468 -24.06 21.74 -17.40
N ALA B 469 -23.15 21.63 -18.36
CA ALA B 469 -23.51 21.47 -19.76
C ALA B 469 -22.56 20.46 -20.39
N ALA B 470 -22.59 20.35 -21.70
CA ALA B 470 -21.68 19.45 -22.41
C ALA B 470 -21.19 20.13 -23.69
N PHE B 471 -20.04 19.66 -24.17
CA PHE B 471 -19.51 20.01 -25.48
C PHE B 471 -19.01 18.75 -26.16
N ASN B 472 -18.91 18.80 -27.48
CA ASN B 472 -18.47 17.66 -28.30
C ASN B 472 -17.22 18.05 -29.06
N ALA B 473 -16.14 17.33 -28.81
CA ALA B 473 -14.94 17.47 -29.64
C ALA B 473 -15.13 16.63 -30.89
N THR B 474 -15.23 17.29 -32.03
CA THR B 474 -15.70 16.66 -33.26
C THR B 474 -14.54 16.21 -34.14
N VAL B 475 -14.76 15.10 -34.87
CA VAL B 475 -13.89 14.67 -35.96
C VAL B 475 -14.73 14.30 -37.17
N LEU B 476 -14.04 14.19 -38.33
CA LEU B 476 -14.63 13.64 -39.54
C LEU B 476 -14.70 12.13 -39.43
N PRO B 477 -15.63 11.49 -40.15
CA PRO B 477 -15.78 10.03 -39.98
C PRO B 477 -14.51 9.28 -40.29
N ASP B 478 -13.70 9.79 -41.22
CA ASP B 478 -12.45 9.16 -41.65
C ASP B 478 -11.30 9.39 -40.70
N TYR B 479 -11.52 10.11 -39.59
CA TYR B 479 -10.42 10.42 -38.66
C TYR B 479 -9.70 9.17 -38.21
N GLY B 480 -10.45 8.18 -37.72
CA GLY B 480 -9.86 6.92 -37.29
C GLY B 480 -9.76 6.74 -35.79
N TYR B 481 -8.64 6.15 -35.36
CA TYR B 481 -8.30 5.92 -33.96
C TYR B 481 -9.43 5.26 -33.18
N ASN B 482 -10.32 4.57 -33.88
CA ASN B 482 -11.48 3.91 -33.30
C ASN B 482 -12.47 4.93 -32.76
N ALA B 483 -12.49 6.13 -33.36
CA ALA B 483 -13.32 7.20 -32.85
C ALA B 483 -14.77 6.78 -32.67
N THR B 484 -15.27 5.95 -33.58
CA THR B 484 -16.69 5.62 -33.59
C THR B 484 -17.13 4.84 -32.38
N VAL B 485 -16.21 4.31 -31.58
CA VAL B 485 -16.59 3.59 -30.38
C VAL B 485 -16.21 4.35 -29.14
N PHE B 486 -15.66 5.53 -29.28
CA PHE B 486 -15.04 6.22 -28.15
C PHE B 486 -15.57 7.63 -27.93
N VAL B 487 -16.57 8.08 -28.66
CA VAL B 487 -17.02 9.45 -28.51
C VAL B 487 -18.30 9.57 -27.71
N ASP B 488 -19.06 8.50 -27.54
CA ASP B 488 -20.31 8.51 -26.80
C ASP B 488 -20.08 8.00 -25.39
N PRO B 489 -20.26 8.84 -24.37
CA PRO B 489 -20.02 8.37 -23.00
C PRO B 489 -20.89 7.21 -22.58
N MET B 490 -22.04 7.01 -23.20
CA MET B 490 -22.90 5.93 -22.78
C MET B 490 -22.69 4.66 -23.59
N GLU B 491 -21.62 4.60 -24.38
CA GLU B 491 -21.36 3.45 -25.24
C GLU B 491 -21.52 2.15 -24.49
N GLU B 492 -22.39 1.29 -24.99
CA GLU B 492 -22.81 0.11 -24.24
C GLU B 492 -21.65 -0.82 -23.94
N LEU B 493 -20.56 -0.69 -24.66
CA LEU B 493 -19.45 -1.60 -24.43
C LEU B 493 -18.64 -1.27 -23.19
N TRP B 494 -18.76 -0.06 -22.65
CA TRP B 494 -17.96 0.35 -21.50
C TRP B 494 -18.78 0.57 -20.25
N GLN B 495 -20.02 0.11 -20.23
CA GLN B 495 -20.89 0.43 -19.13
C GLN B 495 -20.65 -0.51 -17.96
N ALA B 496 -21.37 -0.24 -16.88
CA ALA B 496 -21.22 -1.03 -15.68
C ALA B 496 -21.77 -2.43 -15.91
N ARG B 497 -21.42 -3.35 -15.01
CA ARG B 497 -21.81 -4.71 -15.16
C ARG B 497 -22.23 -5.26 -13.81
N PRO B 498 -23.25 -6.10 -13.76
CA PRO B 498 -23.59 -6.75 -12.50
C PRO B 498 -22.52 -7.74 -12.08
N TYR B 499 -22.51 -8.04 -10.79
CA TYR B 499 -21.63 -9.03 -10.23
C TYR B 499 -22.36 -9.70 -9.07
N GLU B 500 -21.94 -10.91 -8.78
CA GLU B 500 -22.46 -11.61 -7.61
C GLU B 500 -21.71 -11.15 -6.36
N LEU B 501 -22.46 -10.86 -5.30
CA LEU B 501 -21.88 -10.14 -4.15
C LEU B 501 -20.59 -10.78 -3.66
N GLY B 502 -20.51 -12.10 -3.70
CA GLY B 502 -19.37 -12.84 -3.19
C GLY B 502 -18.42 -13.33 -4.26
N GLU B 503 -18.79 -13.11 -5.53
CA GLU B 503 -17.85 -13.30 -6.62
C GLU B 503 -16.67 -12.36 -6.49
N PHE B 504 -16.88 -11.23 -5.81
CA PHE B 504 -15.82 -10.25 -5.63
C PHE B 504 -14.93 -10.61 -4.44
N GLN B 505 -15.52 -11.06 -3.33
CA GLN B 505 -14.73 -11.40 -2.16
C GLN B 505 -13.96 -12.71 -2.32
N ALA B 506 -14.48 -13.65 -3.12
CA ALA B 506 -13.78 -14.89 -3.40
C ALA B 506 -12.81 -14.77 -4.55
N GLN B 507 -12.72 -13.61 -5.18
CA GLN B 507 -11.89 -13.38 -6.36
C GLN B 507 -12.32 -14.23 -7.54
N SER B 508 -13.52 -14.79 -7.47
CA SER B 508 -14.01 -15.73 -8.47
C SER B 508 -14.51 -14.99 -9.70
N GLY B 509 -15.18 -15.72 -10.58
CA GLY B 509 -15.83 -15.19 -11.76
C GLY B 509 -15.06 -14.11 -12.49
N GLN B 510 -15.72 -12.97 -12.71
CA GLN B 510 -15.13 -11.89 -13.47
C GLN B 510 -13.94 -11.26 -12.78
N PHE B 511 -13.78 -11.49 -11.48
CA PHE B 511 -12.62 -10.99 -10.74
C PHE B 511 -11.49 -12.00 -10.68
N SER B 512 -11.64 -13.13 -11.34
CA SER B 512 -10.52 -14.02 -11.59
C SER B 512 -9.56 -13.36 -12.58
N VAL B 513 -8.27 -13.64 -12.38
CA VAL B 513 -7.23 -13.08 -13.25
C VAL B 513 -7.56 -13.34 -14.70
N GLN B 514 -8.11 -14.52 -14.99
CA GLN B 514 -8.40 -14.87 -16.37
C GLN B 514 -9.32 -13.84 -17.01
N ALA B 515 -10.50 -13.66 -16.43
CA ALA B 515 -11.44 -12.64 -16.93
C ALA B 515 -10.78 -11.27 -16.93
N VAL B 516 -10.24 -10.86 -15.77
CA VAL B 516 -9.54 -9.58 -15.67
C VAL B 516 -8.57 -9.41 -16.83
N THR B 517 -7.70 -10.41 -17.01
CA THR B 517 -6.74 -10.36 -18.10
C THR B 517 -7.43 -10.22 -19.44
N GLU B 518 -8.28 -11.18 -19.76
CA GLU B 518 -8.97 -11.15 -21.05
C GLU B 518 -9.70 -9.83 -21.23
N ARG B 519 -10.52 -9.47 -20.25
CA ARG B 519 -11.31 -8.25 -20.36
C ARG B 519 -10.40 -7.05 -20.56
N ILE B 520 -9.40 -6.88 -19.71
CA ILE B 520 -8.44 -5.82 -19.93
C ILE B 520 -7.83 -5.93 -21.31
N GLN B 521 -7.31 -7.12 -21.64
CA GLN B 521 -6.66 -7.28 -22.94
C GLN B 521 -7.63 -6.98 -24.06
N THR B 522 -8.88 -7.41 -23.91
CA THR B 522 -9.90 -6.99 -24.87
C THR B 522 -9.97 -5.47 -24.96
N MET B 523 -9.99 -4.80 -23.80
CA MET B 523 -10.07 -3.35 -23.80
C MET B 523 -8.86 -2.72 -24.46
N ALA B 524 -7.67 -3.27 -24.21
CA ALA B 524 -6.46 -2.62 -24.70
C ALA B 524 -6.35 -2.70 -26.21
N GLU B 525 -6.98 -3.71 -26.81
CA GLU B 525 -6.89 -3.88 -28.26
C GLU B 525 -7.48 -2.71 -29.01
N TYR B 526 -8.34 -1.93 -28.38
CA TYR B 526 -9.00 -0.84 -29.10
C TYR B 526 -8.09 0.35 -29.36
N ARG B 527 -6.91 0.37 -28.76
CA ARG B 527 -5.97 1.46 -28.92
C ARG B 527 -6.64 2.79 -28.57
N PRO B 528 -7.13 2.93 -27.33
CA PRO B 528 -7.98 4.08 -27.01
C PRO B 528 -7.21 5.37 -26.91
N TYR B 529 -6.03 5.35 -26.29
CA TYR B 529 -5.22 6.55 -26.16
C TYR B 529 -4.09 6.57 -27.18
N ALA B 530 -4.31 5.94 -28.34
CA ALA B 530 -3.29 5.84 -29.36
C ALA B 530 -3.07 7.17 -30.09
N ALA B 531 -4.10 8.00 -30.21
CA ALA B 531 -3.92 9.29 -30.84
C ALA B 531 -2.88 10.13 -30.10
N ALA B 532 -2.52 9.74 -28.88
CA ALA B 532 -1.40 10.37 -28.20
C ALA B 532 -0.06 9.73 -28.57
N ASP B 533 -0.06 8.79 -29.52
CA ASP B 533 1.13 8.12 -30.04
C ASP B 533 1.81 7.29 -28.98
#